data_7QH0
#
_entry.id   7QH0
#
_cell.length_a   38.815
_cell.length_b   73.898
_cell.length_c   81.080
_cell.angle_alpha   83.117
_cell.angle_beta   89.327
_cell.angle_gamma   77.111
#
_symmetry.space_group_name_H-M   'P 1'
#
loop_
_entity.id
_entity.type
_entity.pdbx_description
1 polymer 'Triosephosphate isomerase'
2 non-polymer 'CHLORIDE ION'
3 non-polymer 'SODIUM ION'
4 water water
#
_entity_poly.entity_id   1
_entity_poly.type   'polypeptide(L)'
_entity_poly.pdbx_seq_one_letter_code
;MSAKPQPIAAAAWKCNGTTASIEKLVQVFNEHTISHDVQCVVAPTFVHIPLVQAKLRNPKYVISAQNAIAKSGAFTGEVS
MPILKDIGVHWVILGHSERRTYYGETDEIVAQKVSEACKQGFMVIACIGETLQQREANQTAKVVLSQTSAIAAKLTKDAW
NQVVLAYEPVWAIGTGKVATPEQAQEVHLLLRKWVSENIGTDVAAKLRILYGGSVNAANAATLYAKPDINGFLVGGASLK
PEFRDIIDATR
;
_entity_poly.pdbx_strand_id   A,B,C,D
#
loop_
_chem_comp.id
_chem_comp.type
_chem_comp.name
_chem_comp.formula
CL non-polymer 'CHLORIDE ION' 'Cl -1'
NA non-polymer 'SODIUM ION' 'Na 1'
#
# COMPACT_ATOMS: atom_id res chain seq x y z
N LYS A 4 10.77 -32.56 4.19
CA LYS A 4 10.99 -31.20 4.70
C LYS A 4 12.39 -30.71 4.36
N PRO A 5 12.46 -29.52 3.73
CA PRO A 5 13.77 -28.94 3.38
C PRO A 5 14.50 -28.39 4.60
N GLN A 6 15.69 -27.84 4.37
CA GLN A 6 16.54 -27.35 5.45
C GLN A 6 15.83 -26.27 6.26
N PRO A 7 15.66 -26.44 7.56
CA PRO A 7 15.04 -25.39 8.37
C PRO A 7 15.97 -24.21 8.57
N ILE A 8 15.38 -23.07 8.91
CA ILE A 8 16.11 -21.83 9.15
C ILE A 8 15.70 -21.26 10.50
N ALA A 9 16.69 -20.86 11.30
CA ALA A 9 16.47 -20.19 12.58
C ALA A 9 17.08 -18.80 12.49
N ALA A 10 16.24 -17.79 12.29
CA ALA A 10 16.70 -16.43 12.10
C ALA A 10 16.43 -15.60 13.35
N ALA A 11 17.44 -14.82 13.75
CA ALA A 11 17.33 -13.92 14.91
C ALA A 11 17.06 -12.51 14.40
N ALA A 12 15.81 -12.07 14.53
CA ALA A 12 15.41 -10.73 14.08
C ALA A 12 15.56 -9.76 15.24
N TRP A 13 16.77 -9.22 15.38
CA TRP A 13 17.07 -8.35 16.51
C TRP A 13 16.35 -7.01 16.44
N LYS A 14 15.88 -6.62 15.25
CA LYS A 14 15.24 -5.32 15.04
C LYS A 14 16.24 -4.23 15.45
N CYS A 15 15.74 -3.07 15.90
CA CYS A 15 16.60 -1.96 16.30
C CYS A 15 16.87 -2.03 17.80
N ASN A 16 17.62 -3.07 18.18
CA ASN A 16 17.98 -3.28 19.58
C ASN A 16 19.42 -3.77 19.66
N GLY A 17 20.07 -3.45 20.77
CA GLY A 17 21.40 -3.96 21.04
C GLY A 17 22.43 -2.92 21.42
N THR A 18 23.40 -3.34 22.22
CA THR A 18 24.61 -2.60 22.51
C THR A 18 25.81 -3.50 22.19
N THR A 19 27.01 -2.90 22.17
CA THR A 19 28.19 -3.72 21.92
C THR A 19 28.42 -4.73 23.04
N ALA A 20 28.09 -4.37 24.28
CA ALA A 20 28.29 -5.29 25.40
C ALA A 20 27.29 -6.45 25.35
N SER A 21 26.03 -6.15 25.10
CA SER A 21 25.02 -7.22 25.10
C SER A 21 25.17 -8.13 23.89
N ILE A 22 25.57 -7.58 22.74
CA ILE A 22 25.75 -8.39 21.54
C ILE A 22 26.95 -9.31 21.69
N GLU A 23 28.07 -8.76 22.17
CA GLU A 23 29.27 -9.57 22.37
C GLU A 23 29.02 -10.70 23.37
N LYS A 24 28.22 -10.43 24.41
CA LYS A 24 27.92 -11.46 25.39
C LYS A 24 27.02 -12.54 24.80
N LEU A 25 25.98 -12.13 24.05
CA LEU A 25 25.06 -13.11 23.50
C LEU A 25 25.70 -13.91 22.37
N VAL A 26 26.54 -13.25 21.57
CA VAL A 26 27.24 -13.94 20.48
C VAL A 26 28.12 -15.05 21.05
N GLN A 27 28.75 -14.80 22.20
N GLN A 27 28.74 -14.80 22.21
CA GLN A 27 29.57 -15.84 22.84
CA GLN A 27 29.57 -15.84 22.84
C GLN A 27 28.71 -17.01 23.30
C GLN A 27 28.72 -17.01 23.31
N VAL A 28 27.50 -16.73 23.78
CA VAL A 28 26.60 -17.81 24.17
C VAL A 28 26.20 -18.61 22.94
N PHE A 29 25.90 -17.94 21.83
CA PHE A 29 25.67 -18.64 20.57
C PHE A 29 26.92 -19.40 20.14
N ASN A 30 28.10 -18.82 20.41
CA ASN A 30 29.35 -19.47 20.01
C ASN A 30 29.60 -20.75 20.80
N GLU A 31 29.12 -20.82 22.05
CA GLU A 31 29.31 -22.00 22.89
C GLU A 31 28.18 -23.02 22.76
N HIS A 32 27.31 -22.85 21.77
CA HIS A 32 26.16 -23.74 21.56
C HIS A 32 26.41 -24.56 20.30
N THR A 33 26.76 -25.83 20.49
CA THR A 33 27.05 -26.71 19.36
C THR A 33 25.76 -27.16 18.72
N ILE A 34 25.68 -26.99 17.41
CA ILE A 34 24.52 -27.36 16.60
C ILE A 34 24.97 -28.49 15.69
N SER A 35 24.37 -29.68 15.86
CA SER A 35 24.75 -30.83 15.04
C SER A 35 23.55 -31.39 14.29
N HIS A 36 22.87 -30.54 13.53
CA HIS A 36 21.89 -30.98 12.54
C HIS A 36 21.89 -29.96 11.42
N ASP A 37 21.26 -30.34 10.30
CA ASP A 37 21.27 -29.50 9.11
C ASP A 37 20.27 -28.36 9.29
N VAL A 38 20.79 -27.18 9.65
CA VAL A 38 19.95 -26.00 9.82
C VAL A 38 20.79 -24.76 9.51
N GLN A 39 20.16 -23.76 8.91
CA GLN A 39 20.79 -22.48 8.63
C GLN A 39 20.32 -21.46 9.66
N CYS A 40 21.23 -21.05 10.53
CA CYS A 40 20.93 -20.10 11.59
C CYS A 40 21.31 -18.70 11.09
N VAL A 41 20.50 -17.71 11.44
CA VAL A 41 20.68 -16.36 10.92
C VAL A 41 20.58 -15.35 12.05
N VAL A 42 21.55 -14.43 12.11
N VAL A 42 21.52 -14.40 12.08
CA VAL A 42 21.47 -13.26 12.97
CA VAL A 42 21.50 -13.26 13.00
C VAL A 42 21.35 -12.05 12.06
C VAL A 42 21.46 -11.99 12.18
N ALA A 43 20.46 -11.13 12.44
CA ALA A 43 20.21 -9.92 11.66
C ALA A 43 20.26 -8.71 12.57
N PRO A 44 21.44 -8.17 12.83
CA PRO A 44 21.58 -6.98 13.68
C PRO A 44 21.40 -5.70 12.87
N THR A 45 21.39 -4.59 13.60
CA THR A 45 21.36 -3.28 12.96
C THR A 45 22.61 -3.08 12.11
N PHE A 46 22.50 -2.18 11.12
CA PHE A 46 23.60 -1.93 10.20
C PHE A 46 24.89 -1.63 10.96
N VAL A 47 24.79 -0.86 12.04
CA VAL A 47 25.97 -0.45 12.78
C VAL A 47 26.65 -1.64 13.45
N HIS A 48 25.90 -2.72 13.72
CA HIS A 48 26.40 -3.87 14.45
C HIS A 48 26.80 -5.03 13.54
N ILE A 49 26.70 -4.87 12.22
CA ILE A 49 27.09 -5.94 11.30
C ILE A 49 28.58 -6.26 11.41
N PRO A 50 29.51 -5.29 11.39
CA PRO A 50 30.93 -5.66 11.53
C PRO A 50 31.25 -6.35 12.83
N LEU A 51 30.62 -5.96 13.94
CA LEU A 51 30.88 -6.63 15.21
C LEU A 51 30.49 -8.10 15.14
N VAL A 52 29.31 -8.40 14.57
CA VAL A 52 28.82 -9.76 14.53
C VAL A 52 29.64 -10.60 13.55
N GLN A 53 30.06 -10.00 12.43
CA GLN A 53 30.88 -10.74 11.47
C GLN A 53 32.20 -11.16 12.08
N ALA A 54 32.78 -10.30 12.93
CA ALA A 54 34.05 -10.60 13.56
C ALA A 54 33.91 -11.64 14.68
N LYS A 55 32.83 -11.56 15.46
CA LYS A 55 32.72 -12.31 16.71
C LYS A 55 31.94 -13.61 16.59
N LEU A 56 30.81 -13.61 15.87
CA LEU A 56 30.00 -14.82 15.75
C LEU A 56 30.74 -15.84 14.89
N ARG A 57 31.12 -16.97 15.50
CA ARG A 57 32.00 -17.93 14.83
C ARG A 57 31.37 -19.31 14.65
N ASN A 58 30.09 -19.47 14.91
N ASN A 58 30.09 -19.47 14.95
CA ASN A 58 29.44 -20.76 14.70
CA ASN A 58 29.43 -20.74 14.66
C ASN A 58 29.30 -21.04 13.20
C ASN A 58 29.43 -20.97 13.16
N PRO A 59 29.85 -22.14 12.68
CA PRO A 59 29.74 -22.42 11.25
C PRO A 59 28.31 -22.59 10.76
N LYS A 60 27.35 -22.77 11.66
CA LYS A 60 25.94 -22.91 11.30
C LYS A 60 25.24 -21.57 11.12
N TYR A 61 25.92 -20.45 11.33
CA TYR A 61 25.31 -19.13 11.27
C TYR A 61 25.76 -18.38 10.02
N VAL A 62 24.86 -17.52 9.53
CA VAL A 62 25.21 -16.45 8.61
C VAL A 62 24.63 -15.16 9.18
N ILE A 63 24.99 -14.04 8.56
CA ILE A 63 24.60 -12.72 9.03
C ILE A 63 23.76 -12.05 7.95
N SER A 64 22.60 -11.54 8.33
CA SER A 64 21.68 -10.88 7.41
C SER A 64 21.54 -9.41 7.78
N ALA A 65 21.22 -8.60 6.79
CA ALA A 65 20.78 -7.24 7.03
C ALA A 65 19.28 -7.21 7.22
N GLN A 66 18.80 -6.21 7.96
CA GLN A 66 17.37 -6.04 8.18
C GLN A 66 16.68 -5.32 7.04
N ASN A 67 17.44 -4.69 6.14
CA ASN A 67 16.89 -3.89 5.05
C ASN A 67 18.03 -3.54 4.12
N ALA A 68 17.67 -3.04 2.93
CA ALA A 68 18.63 -2.60 1.93
C ALA A 68 17.87 -1.93 0.80
N ILE A 69 18.60 -1.16 0.00
CA ILE A 69 18.10 -0.63 -1.27
C ILE A 69 18.98 -1.19 -2.39
N ALA A 70 18.49 -1.03 -3.62
CA ALA A 70 19.08 -1.75 -4.75
C ALA A 70 20.45 -1.19 -5.12
N LYS A 71 20.57 0.14 -5.23
CA LYS A 71 21.75 0.75 -5.82
C LYS A 71 22.34 1.82 -4.91
N SER A 72 23.67 1.90 -4.92
CA SER A 72 24.37 2.96 -4.22
C SER A 72 24.11 4.30 -4.92
N GLY A 73 24.29 5.39 -4.17
CA GLY A 73 24.11 6.71 -4.74
C GLY A 73 23.70 7.72 -3.69
N ALA A 74 23.04 8.79 -4.15
CA ALA A 74 22.65 9.91 -3.31
C ALA A 74 21.37 9.58 -2.55
N PHE A 75 21.51 8.63 -1.62
CA PHE A 75 20.39 8.17 -0.78
C PHE A 75 20.87 8.23 0.67
N THR A 76 20.73 9.40 1.27
CA THR A 76 21.25 9.62 2.62
C THR A 76 20.51 8.76 3.63
N GLY A 77 21.28 8.10 4.50
CA GLY A 77 20.73 7.29 5.57
C GLY A 77 20.49 5.84 5.21
N GLU A 78 20.51 5.49 3.93
CA GLU A 78 20.22 4.14 3.47
C GLU A 78 21.51 3.37 3.19
N VAL A 79 21.39 2.05 3.21
CA VAL A 79 22.52 1.14 2.91
C VAL A 79 22.15 0.32 1.69
N SER A 80 23.03 0.33 0.68
CA SER A 80 22.74 -0.34 -0.57
C SER A 80 23.07 -1.83 -0.49
N MET A 81 22.69 -2.56 -1.52
CA MET A 81 22.99 -3.98 -1.63
C MET A 81 24.43 -4.20 -2.09
N PRO A 82 24.97 -3.44 -3.05
CA PRO A 82 26.41 -3.59 -3.33
C PRO A 82 27.30 -3.31 -2.14
N ILE A 83 26.95 -2.34 -1.29
CA ILE A 83 27.76 -2.07 -0.10
C ILE A 83 27.72 -3.28 0.83
N LEU A 84 26.56 -3.94 0.93
CA LEU A 84 26.45 -5.14 1.76
C LEU A 84 27.33 -6.25 1.20
N LYS A 85 27.36 -6.42 -0.13
CA LYS A 85 28.19 -7.46 -0.71
C LYS A 85 29.67 -7.18 -0.52
N ASP A 86 30.07 -5.91 -0.64
CA ASP A 86 31.48 -5.57 -0.47
C ASP A 86 31.97 -5.86 0.95
N ILE A 87 31.12 -5.59 1.96
CA ILE A 87 31.49 -5.89 3.34
C ILE A 87 31.29 -7.36 3.68
N GLY A 88 30.69 -8.14 2.80
CA GLY A 88 30.56 -9.56 2.99
C GLY A 88 29.20 -10.06 3.46
N VAL A 89 28.15 -9.26 3.32
CA VAL A 89 26.81 -9.67 3.73
C VAL A 89 26.07 -10.23 2.52
N HIS A 90 25.54 -11.45 2.68
CA HIS A 90 24.89 -12.15 1.59
C HIS A 90 23.43 -12.45 1.87
N TRP A 91 22.90 -12.03 3.02
CA TRP A 91 21.50 -12.24 3.36
C TRP A 91 20.84 -10.91 3.66
N VAL A 92 19.52 -10.88 3.55
CA VAL A 92 18.77 -9.64 3.73
C VAL A 92 17.33 -9.98 4.06
N ILE A 93 16.78 -9.27 5.03
CA ILE A 93 15.35 -9.31 5.33
C ILE A 93 14.69 -8.17 4.56
N LEU A 94 13.71 -8.49 3.73
CA LEU A 94 13.01 -7.48 2.94
C LEU A 94 11.52 -7.59 3.17
N GLY A 95 10.85 -6.44 3.14
CA GLY A 95 9.41 -6.39 3.29
C GLY A 95 8.91 -6.67 4.68
N HIS A 96 9.72 -6.41 5.71
CA HIS A 96 9.25 -6.62 7.07
C HIS A 96 7.99 -5.81 7.33
N SER A 97 7.15 -6.32 8.24
CA SER A 97 5.88 -5.67 8.52
C SER A 97 6.07 -4.27 9.08
N GLU A 98 7.11 -4.07 9.89
CA GLU A 98 7.38 -2.74 10.44
C GLU A 98 7.77 -1.76 9.35
N ARG A 99 8.42 -2.23 8.28
CA ARG A 99 8.74 -1.35 7.16
C ARG A 99 7.57 -1.23 6.20
N ARG A 100 6.78 -2.31 6.02
CA ARG A 100 5.55 -2.20 5.25
C ARG A 100 4.59 -1.21 5.88
N THR A 101 4.65 -1.05 7.20
CA THR A 101 3.72 -0.22 7.95
C THR A 101 4.20 1.22 8.11
N TYR A 102 5.47 1.42 8.43
CA TYR A 102 5.95 2.72 8.87
C TYR A 102 6.97 3.36 7.94
N TYR A 103 7.36 2.68 6.85
CA TYR A 103 8.40 3.22 5.98
C TYR A 103 8.06 3.01 4.51
N GLY A 104 6.77 3.03 4.18
CA GLY A 104 6.33 3.17 2.80
C GLY A 104 6.70 2.03 1.88
N GLU A 105 6.89 0.82 2.41
CA GLU A 105 7.25 -0.31 1.58
C GLU A 105 5.97 -0.99 1.10
N THR A 106 5.51 -0.58 -0.09
CA THR A 106 4.34 -1.18 -0.70
C THR A 106 4.66 -2.59 -1.17
N ASP A 107 3.62 -3.29 -1.64
CA ASP A 107 3.83 -4.62 -2.21
C ASP A 107 4.79 -4.56 -3.40
N GLU A 108 4.71 -3.50 -4.20
N GLU A 108 4.68 -3.51 -4.21
CA GLU A 108 5.59 -3.40 -5.37
CA GLU A 108 5.57 -3.36 -5.36
C GLU A 108 7.00 -2.96 -4.99
C GLU A 108 7.00 -3.05 -4.91
N ILE A 109 7.15 -2.16 -3.93
CA ILE A 109 8.49 -1.78 -3.47
C ILE A 109 9.21 -2.98 -2.86
N VAL A 110 8.48 -3.81 -2.12
CA VAL A 110 9.07 -5.05 -1.61
C VAL A 110 9.43 -5.97 -2.78
N ALA A 111 8.57 -6.02 -3.79
CA ALA A 111 8.81 -6.91 -4.93
C ALA A 111 10.06 -6.52 -5.70
N GLN A 112 10.27 -5.22 -5.92
N GLN A 112 10.25 -5.22 -5.92
CA GLN A 112 11.46 -4.79 -6.65
CA GLN A 112 11.44 -4.76 -6.64
C GLN A 112 12.73 -4.85 -5.81
C GLN A 112 12.70 -5.00 -5.80
N LYS A 113 12.61 -4.79 -4.48
CA LYS A 113 13.77 -4.99 -3.63
C LYS A 113 14.19 -6.46 -3.61
N VAL A 114 13.22 -7.37 -3.53
CA VAL A 114 13.51 -8.79 -3.58
C VAL A 114 14.15 -9.17 -4.91
N SER A 115 13.61 -8.66 -6.01
CA SER A 115 14.13 -8.98 -7.34
C SER A 115 15.57 -8.49 -7.50
N GLU A 116 15.83 -7.24 -7.13
CA GLU A 116 17.20 -6.73 -7.24
C GLU A 116 18.14 -7.51 -6.34
N ALA A 117 17.68 -7.93 -5.16
CA ALA A 117 18.54 -8.66 -4.25
C ALA A 117 18.92 -10.02 -4.81
N CYS A 118 17.96 -10.75 -5.37
CA CYS A 118 18.27 -12.03 -5.99
C CYS A 118 19.16 -11.86 -7.20
N LYS A 119 18.95 -10.80 -7.98
CA LYS A 119 19.82 -10.52 -9.12
C LYS A 119 21.26 -10.32 -8.69
N GLN A 120 21.48 -9.76 -7.51
CA GLN A 120 22.82 -9.48 -7.01
C GLN A 120 23.39 -10.62 -6.17
N GLY A 121 22.75 -11.79 -6.19
CA GLY A 121 23.29 -12.94 -5.49
C GLY A 121 22.97 -12.99 -4.01
N PHE A 122 21.87 -12.38 -3.59
CA PHE A 122 21.47 -12.35 -2.19
C PHE A 122 20.53 -13.50 -1.87
N MET A 123 20.65 -14.00 -0.65
N MET A 123 20.60 -13.95 -0.62
CA MET A 123 19.60 -14.82 -0.07
CA MET A 123 19.60 -14.84 -0.05
C MET A 123 18.62 -13.87 0.61
C MET A 123 18.60 -14.01 0.73
N VAL A 124 17.34 -13.98 0.26
CA VAL A 124 16.32 -13.07 0.76
C VAL A 124 15.35 -13.79 1.67
N ILE A 125 15.05 -13.17 2.81
CA ILE A 125 13.92 -13.54 3.65
C ILE A 125 12.85 -12.49 3.42
N ALA A 126 11.85 -12.82 2.61
CA ALA A 126 10.79 -11.88 2.24
C ALA A 126 9.61 -12.08 3.18
N CYS A 127 9.10 -10.97 3.74
CA CYS A 127 8.11 -11.03 4.80
C CYS A 127 6.74 -10.63 4.26
N ILE A 128 5.72 -11.40 4.67
CA ILE A 128 4.32 -11.13 4.34
C ILE A 128 3.48 -11.38 5.59
N GLY A 129 2.26 -10.87 5.56
CA GLY A 129 1.34 -11.04 6.66
C GLY A 129 0.22 -10.04 6.60
N GLU A 130 -0.87 -10.36 7.31
CA GLU A 130 -2.09 -9.58 7.26
C GLU A 130 -2.40 -8.94 8.61
N THR A 131 -3.21 -7.88 8.58
CA THR A 131 -3.60 -7.16 9.78
C THR A 131 -4.83 -7.78 10.42
N LEU A 132 -5.19 -7.27 11.59
CA LEU A 132 -6.42 -7.71 12.24
C LEU A 132 -7.63 -7.25 11.44
N GLN A 133 -7.62 -6.01 10.97
CA GLN A 133 -8.69 -5.54 10.09
C GLN A 133 -8.84 -6.45 8.88
N GLN A 134 -7.73 -6.83 8.26
CA GLN A 134 -7.79 -7.71 7.10
C GLN A 134 -8.29 -9.11 7.50
N ARG A 135 -7.69 -9.72 8.52
CA ARG A 135 -8.12 -11.05 8.93
C ARG A 135 -9.60 -11.07 9.31
N GLU A 136 -10.07 -10.03 10.01
CA GLU A 136 -11.47 -9.99 10.39
C GLU A 136 -12.40 -9.77 9.20
N ALA A 137 -11.89 -9.26 8.09
CA ALA A 137 -12.64 -9.14 6.85
C ALA A 137 -12.51 -10.39 5.98
N ASN A 138 -12.04 -11.51 6.55
CA ASN A 138 -11.83 -12.76 5.82
C ASN A 138 -10.84 -12.57 4.67
N GLN A 139 -9.77 -11.83 4.93
CA GLN A 139 -8.81 -11.43 3.91
C GLN A 139 -7.44 -12.07 4.12
N THR A 140 -7.34 -13.10 4.95
CA THR A 140 -6.03 -13.69 5.24
C THR A 140 -5.37 -14.21 3.97
N ALA A 141 -6.10 -15.01 3.19
CA ALA A 141 -5.54 -15.50 1.93
C ALA A 141 -5.35 -14.36 0.93
N LYS A 142 -6.31 -13.43 0.85
CA LYS A 142 -6.23 -12.37 -0.14
C LYS A 142 -4.95 -11.54 0.04
N VAL A 143 -4.59 -11.23 1.28
CA VAL A 143 -3.46 -10.33 1.51
C VAL A 143 -2.13 -11.05 1.31
N VAL A 144 -1.95 -12.21 1.93
CA VAL A 144 -0.63 -12.86 1.87
C VAL A 144 -0.33 -13.33 0.45
N LEU A 145 -1.36 -13.79 -0.27
CA LEU A 145 -1.12 -14.23 -1.65
C LEU A 145 -0.88 -13.05 -2.58
N SER A 146 -1.55 -11.92 -2.33
CA SER A 146 -1.28 -10.72 -3.13
C SER A 146 0.11 -10.18 -2.84
N GLN A 147 0.57 -10.28 -1.60
CA GLN A 147 1.93 -9.89 -1.27
C GLN A 147 2.93 -10.82 -1.94
N THR A 148 2.62 -12.12 -1.99
CA THR A 148 3.54 -13.09 -2.58
C THR A 148 3.51 -13.06 -4.10
N SER A 149 2.33 -12.81 -4.70
N SER A 149 2.33 -12.82 -4.69
CA SER A 149 2.25 -12.78 -6.15
CA SER A 149 2.22 -12.76 -6.14
C SER A 149 2.96 -11.56 -6.72
C SER A 149 2.98 -11.57 -6.71
N ALA A 150 3.00 -10.45 -5.98
CA ALA A 150 3.76 -9.30 -6.43
C ALA A 150 5.26 -9.59 -6.40
N ILE A 151 5.72 -10.27 -5.35
CA ILE A 151 7.11 -10.71 -5.29
C ILE A 151 7.39 -11.72 -6.39
N ALA A 152 6.44 -12.61 -6.66
CA ALA A 152 6.66 -13.69 -7.63
C ALA A 152 6.74 -13.16 -9.06
N ALA A 153 6.00 -12.10 -9.38
CA ALA A 153 6.00 -11.56 -10.74
C ALA A 153 7.35 -10.96 -11.13
N LYS A 154 8.25 -10.75 -10.18
CA LYS A 154 9.56 -10.18 -10.44
C LYS A 154 10.68 -11.20 -10.36
N LEU A 155 10.34 -12.49 -10.19
CA LEU A 155 11.31 -13.54 -9.96
C LEU A 155 11.19 -14.64 -11.00
N THR A 156 12.32 -15.21 -11.39
CA THR A 156 12.32 -16.40 -12.22
C THR A 156 12.35 -17.63 -11.32
N LYS A 157 12.22 -18.81 -11.96
N LYS A 157 12.25 -18.82 -11.94
CA LYS A 157 12.23 -20.05 -11.20
CA LYS A 157 12.21 -20.05 -11.16
C LYS A 157 13.52 -20.23 -10.42
C LYS A 157 13.53 -20.31 -10.44
N ASP A 158 14.66 -19.90 -11.03
CA ASP A 158 15.94 -20.10 -10.37
C ASP A 158 16.15 -19.13 -9.21
N ALA A 159 15.58 -17.92 -9.30
CA ALA A 159 15.70 -16.97 -8.21
C ALA A 159 14.95 -17.42 -6.97
N TRP A 160 14.00 -18.35 -7.11
CA TRP A 160 13.25 -18.83 -5.96
C TRP A 160 14.10 -19.70 -5.03
N ASN A 161 15.22 -20.23 -5.53
CA ASN A 161 16.14 -20.96 -4.68
C ASN A 161 16.91 -20.06 -3.72
N GLN A 162 16.82 -18.75 -3.88
CA GLN A 162 17.44 -17.79 -2.97
C GLN A 162 16.43 -17.10 -2.06
N VAL A 163 15.14 -17.36 -2.22
CA VAL A 163 14.11 -16.64 -1.49
C VAL A 163 13.57 -17.51 -0.35
N VAL A 164 13.34 -16.88 0.79
CA VAL A 164 12.75 -17.52 1.96
C VAL A 164 11.54 -16.68 2.35
N LEU A 165 10.38 -17.31 2.45
CA LEU A 165 9.18 -16.61 2.88
C LEU A 165 9.07 -16.66 4.40
N ALA A 166 8.63 -15.55 4.99
CA ALA A 166 8.43 -15.45 6.43
C ALA A 166 7.06 -14.86 6.68
N TYR A 167 6.14 -15.67 7.19
CA TYR A 167 4.79 -15.20 7.48
C TYR A 167 4.78 -14.53 8.85
N GLU A 168 4.32 -13.28 8.88
CA GLU A 168 4.12 -12.57 10.14
C GLU A 168 2.64 -12.48 10.44
N PRO A 169 2.16 -13.01 11.56
CA PRO A 169 0.77 -12.75 11.96
C PRO A 169 0.63 -11.35 12.56
N VAL A 170 0.66 -10.34 11.69
CA VAL A 170 0.58 -8.95 12.11
C VAL A 170 -0.71 -8.71 12.89
N TRP A 171 -1.75 -9.47 12.59
CA TRP A 171 -3.01 -9.37 13.32
C TRP A 171 -2.86 -9.73 14.80
N ALA A 172 -1.71 -10.23 15.21
CA ALA A 172 -1.48 -10.62 16.60
C ALA A 172 -0.44 -9.75 17.29
N ILE A 173 0.10 -8.74 16.62
CA ILE A 173 1.13 -7.88 17.18
C ILE A 173 0.46 -6.65 17.79
N GLY A 174 0.56 -6.51 19.11
CA GLY A 174 0.02 -5.34 19.78
C GLY A 174 -1.48 -5.20 19.70
N THR A 175 -2.20 -6.30 19.45
CA THR A 175 -3.65 -6.27 19.31
C THR A 175 -4.39 -6.94 20.46
N GLY A 176 -3.69 -7.62 21.36
CA GLY A 176 -4.35 -8.46 22.33
C GLY A 176 -4.76 -9.82 21.81
N LYS A 177 -4.63 -10.06 20.51
CA LYS A 177 -4.88 -11.37 19.92
C LYS A 177 -3.60 -12.19 19.91
N VAL A 178 -3.75 -13.51 19.89
CA VAL A 178 -2.63 -14.43 19.85
C VAL A 178 -2.90 -15.51 18.81
N ALA A 179 -1.83 -16.03 18.21
CA ALA A 179 -1.92 -16.95 17.09
C ALA A 179 -1.60 -18.37 17.55
N THR A 180 -2.47 -19.31 17.20
CA THR A 180 -2.26 -20.72 17.50
C THR A 180 -1.35 -21.35 16.45
N PRO A 181 -0.69 -22.45 16.78
CA PRO A 181 0.06 -23.18 15.75
C PRO A 181 -0.82 -23.66 14.60
N GLU A 182 -2.07 -24.01 14.89
CA GLU A 182 -2.99 -24.44 13.84
C GLU A 182 -3.33 -23.29 12.90
N GLN A 183 -3.43 -22.07 13.44
CA GLN A 183 -3.62 -20.91 12.59
C GLN A 183 -2.37 -20.60 11.77
N ALA A 184 -1.18 -20.85 12.34
CA ALA A 184 0.05 -20.65 11.59
C ALA A 184 0.20 -21.68 10.48
N GLN A 185 -0.05 -22.95 10.78
CA GLN A 185 0.04 -23.99 9.75
C GLN A 185 -0.94 -23.72 8.61
N GLU A 186 -2.12 -23.22 8.94
CA GLU A 186 -3.12 -22.93 7.91
C GLU A 186 -2.60 -21.93 6.90
N VAL A 187 -1.91 -20.89 7.36
CA VAL A 187 -1.37 -19.90 6.43
C VAL A 187 -0.19 -20.47 5.66
N HIS A 188 0.69 -21.20 6.35
CA HIS A 188 1.81 -21.82 5.66
C HIS A 188 1.33 -22.76 4.57
N LEU A 189 0.28 -23.53 4.84
CA LEU A 189 -0.25 -24.48 3.86
C LEU A 189 -0.68 -23.75 2.59
N LEU A 190 -1.58 -22.77 2.72
CA LEU A 190 -2.11 -22.10 1.53
C LEU A 190 -1.02 -21.30 0.81
N LEU A 191 -0.02 -20.82 1.54
CA LEU A 191 1.13 -20.19 0.89
C LEU A 191 1.84 -21.17 -0.02
N ARG A 192 2.25 -22.32 0.53
CA ARG A 192 2.93 -23.33 -0.26
C ARG A 192 2.03 -23.85 -1.39
N LYS A 193 0.71 -23.82 -1.19
CA LYS A 193 -0.21 -24.32 -2.21
C LYS A 193 -0.33 -23.37 -3.39
N TRP A 194 -0.29 -22.06 -3.15
CA TRP A 194 -0.27 -21.11 -4.25
C TRP A 194 1.02 -21.22 -5.06
N VAL A 195 2.15 -21.35 -4.37
CA VAL A 195 3.41 -21.60 -5.06
C VAL A 195 3.33 -22.91 -5.82
N SER A 196 2.65 -23.91 -5.23
CA SER A 196 2.44 -25.19 -5.90
C SER A 196 1.77 -25.01 -7.25
N GLU A 197 0.87 -24.04 -7.37
CA GLU A 197 0.00 -23.92 -8.52
C GLU A 197 0.26 -22.67 -9.35
N ASN A 198 1.29 -21.89 -9.03
CA ASN A 198 1.60 -20.73 -9.86
C ASN A 198 3.08 -20.56 -10.15
N ILE A 199 3.97 -21.17 -9.37
CA ILE A 199 5.39 -21.21 -9.66
C ILE A 199 5.82 -22.60 -10.12
N GLY A 200 5.41 -23.62 -9.40
CA GLY A 200 5.79 -24.98 -9.73
C GLY A 200 5.79 -25.91 -8.53
N THR A 201 5.35 -27.15 -8.73
CA THR A 201 5.36 -28.11 -7.63
C THR A 201 6.77 -28.32 -7.10
N ASP A 202 7.79 -28.13 -7.94
CA ASP A 202 9.18 -28.34 -7.51
C ASP A 202 9.62 -27.26 -6.54
N VAL A 203 9.30 -26.00 -6.84
CA VAL A 203 9.71 -24.89 -5.98
C VAL A 203 8.96 -24.92 -4.66
N ALA A 204 7.68 -25.30 -4.70
CA ALA A 204 6.88 -25.32 -3.49
C ALA A 204 7.43 -26.31 -2.47
N ALA A 205 7.89 -27.47 -2.95
CA ALA A 205 8.42 -28.49 -2.05
C ALA A 205 9.66 -27.98 -1.32
N LYS A 206 10.57 -27.31 -2.03
CA LYS A 206 11.83 -26.88 -1.44
C LYS A 206 11.79 -25.48 -0.87
N LEU A 207 10.63 -24.82 -0.85
CA LEU A 207 10.54 -23.46 -0.33
C LEU A 207 10.53 -23.47 1.19
N ARG A 208 11.39 -22.64 1.79
CA ARG A 208 11.38 -22.41 3.23
C ARG A 208 10.36 -21.32 3.55
N ILE A 209 9.38 -21.65 4.40
CA ILE A 209 8.37 -20.72 4.86
C ILE A 209 8.48 -20.66 6.38
N LEU A 210 9.00 -19.55 6.90
CA LEU A 210 9.31 -19.42 8.31
C LEU A 210 8.15 -18.74 9.04
N TYR A 211 7.90 -19.18 10.28
CA TYR A 211 6.89 -18.55 11.11
C TYR A 211 7.48 -17.33 11.80
N GLY A 212 6.80 -16.20 11.70
CA GLY A 212 7.32 -14.95 12.25
C GLY A 212 6.49 -14.38 13.37
N GLY A 213 5.76 -15.24 14.09
CA GLY A 213 5.00 -14.83 15.24
C GLY A 213 5.79 -14.97 16.52
N SER A 214 5.07 -15.05 17.63
CA SER A 214 5.70 -15.26 18.94
C SER A 214 6.33 -16.65 18.96
N VAL A 215 7.65 -16.70 19.09
CA VAL A 215 8.41 -17.94 19.16
C VAL A 215 9.29 -17.91 20.41
N ASN A 216 9.19 -18.96 21.22
CA ASN A 216 10.04 -19.11 22.39
C ASN A 216 10.36 -20.59 22.55
N ALA A 217 11.08 -20.92 23.63
CA ALA A 217 11.49 -22.30 23.84
C ALA A 217 10.29 -23.21 24.13
N ALA A 218 9.22 -22.64 24.68
CA ALA A 218 8.07 -23.45 25.08
C ALA A 218 7.22 -23.91 23.91
N ASN A 219 7.24 -23.19 22.78
CA ASN A 219 6.34 -23.49 21.67
C ASN A 219 7.05 -23.77 20.35
N ALA A 220 8.36 -23.55 20.26
CA ALA A 220 9.05 -23.73 18.99
C ALA A 220 8.95 -25.17 18.48
N ALA A 221 8.97 -26.15 19.39
CA ALA A 221 8.87 -27.54 18.97
C ALA A 221 7.49 -27.83 18.40
N THR A 222 6.43 -27.47 19.13
N THR A 222 6.42 -27.45 19.11
CA THR A 222 5.07 -27.65 18.66
CA THR A 222 5.08 -27.72 18.60
C THR A 222 4.84 -26.93 17.34
C THR A 222 4.74 -26.86 17.39
N LEU A 223 5.49 -25.78 17.15
CA LEU A 223 5.33 -25.03 15.91
C LEU A 223 6.05 -25.73 14.76
N TYR A 224 7.30 -26.13 14.99
CA TYR A 224 8.05 -26.80 13.92
C TYR A 224 7.51 -28.19 13.63
N ALA A 225 6.73 -28.77 14.55
CA ALA A 225 6.11 -30.06 14.27
C ALA A 225 5.06 -29.97 13.17
N LYS A 226 4.57 -28.77 12.88
CA LYS A 226 3.61 -28.61 11.80
C LYS A 226 4.29 -28.85 10.46
N PRO A 227 3.63 -29.57 9.54
CA PRO A 227 4.33 -30.04 8.33
C PRO A 227 4.82 -28.94 7.40
N ASP A 228 4.20 -27.76 7.40
CA ASP A 228 4.54 -26.73 6.43
C ASP A 228 5.27 -25.54 7.06
N ILE A 229 5.69 -25.65 8.31
CA ILE A 229 6.51 -24.63 8.96
C ILE A 229 7.97 -25.09 8.88
N ASN A 230 8.83 -24.22 8.33
CA ASN A 230 10.21 -24.58 8.04
C ASN A 230 11.22 -23.82 8.88
N GLY A 231 10.80 -23.24 9.99
CA GLY A 231 11.70 -22.49 10.83
C GLY A 231 11.01 -21.25 11.37
N PHE A 232 11.81 -20.33 11.90
CA PHE A 232 11.27 -19.19 12.62
C PHE A 232 12.07 -17.93 12.30
N LEU A 233 11.36 -16.81 12.26
CA LEU A 233 11.97 -15.48 12.27
C LEU A 233 11.66 -14.92 13.66
N VAL A 234 12.64 -15.00 14.55
CA VAL A 234 12.43 -14.84 15.99
C VAL A 234 12.60 -13.39 16.38
N GLY A 235 11.68 -12.88 17.19
CA GLY A 235 11.76 -11.52 17.67
C GLY A 235 12.45 -11.39 19.02
N GLY A 236 11.67 -11.08 20.07
CA GLY A 236 12.25 -10.79 21.37
C GLY A 236 13.08 -11.92 21.94
N ALA A 237 12.71 -13.17 21.66
CA ALA A 237 13.48 -14.30 22.16
C ALA A 237 14.86 -14.40 21.51
N SER A 238 15.06 -13.75 20.37
CA SER A 238 16.33 -13.87 19.67
C SER A 238 17.45 -13.10 20.34
N LEU A 239 17.13 -12.12 21.18
CA LEU A 239 18.14 -11.41 21.96
C LEU A 239 18.46 -12.09 23.29
N LYS A 240 17.95 -13.30 23.51
N LYS A 240 17.96 -13.30 23.50
CA LYS A 240 18.13 -14.05 24.73
CA LYS A 240 18.14 -14.04 24.73
C LYS A 240 18.87 -15.35 24.45
C LYS A 240 18.86 -15.35 24.46
N PRO A 241 19.51 -15.94 25.47
CA PRO A 241 20.16 -17.24 25.25
C PRO A 241 19.20 -18.36 24.90
N GLU A 242 17.90 -18.18 25.12
CA GLU A 242 16.93 -19.21 24.76
C GLU A 242 16.72 -19.31 23.26
N PHE A 243 17.41 -18.50 22.45
CA PHE A 243 17.47 -18.75 21.01
C PHE A 243 18.11 -20.08 20.69
N ARG A 244 18.96 -20.59 21.60
CA ARG A 244 19.56 -21.90 21.41
C ARG A 244 18.50 -23.00 21.46
N ASP A 245 17.54 -22.87 22.37
CA ASP A 245 16.48 -23.85 22.46
C ASP A 245 15.56 -23.81 21.24
N ILE A 246 15.41 -22.63 20.63
CA ILE A 246 14.62 -22.54 19.40
C ILE A 246 15.34 -23.23 18.25
N ILE A 247 16.66 -23.09 18.19
CA ILE A 247 17.44 -23.81 17.18
C ILE A 247 17.30 -25.31 17.37
N ASP A 248 17.49 -25.78 18.61
CA ASP A 248 17.36 -27.20 18.88
C ASP A 248 15.95 -27.71 18.58
N ALA A 249 14.95 -26.83 18.61
CA ALA A 249 13.59 -27.24 18.28
C ALA A 249 13.40 -27.47 16.79
N THR A 250 14.31 -26.99 15.95
CA THR A 250 14.25 -27.28 14.52
C THR A 250 14.87 -28.63 14.16
N ARG A 251 15.33 -29.39 15.13
CA ARG A 251 15.80 -30.75 14.88
C ARG A 251 14.61 -31.62 14.44
N ALA B 3 35.05 37.03 14.38
CA ALA B 3 33.67 37.18 14.85
C ALA B 3 32.80 36.04 14.35
N LYS B 4 33.20 35.43 13.22
CA LYS B 4 32.50 34.26 12.72
C LYS B 4 32.67 33.10 13.71
N PRO B 5 31.65 32.24 13.83
CA PRO B 5 31.80 31.06 14.69
C PRO B 5 32.76 30.04 14.08
N GLN B 6 32.94 28.92 14.77
CA GLN B 6 33.88 27.91 14.30
C GLN B 6 33.39 27.30 12.99
N PRO B 7 34.23 27.25 11.96
CA PRO B 7 33.82 26.63 10.69
C PRO B 7 33.56 25.14 10.84
N ILE B 8 32.72 24.61 9.95
CA ILE B 8 32.48 23.17 9.87
C ILE B 8 32.59 22.74 8.41
N ALA B 9 33.31 21.65 8.18
CA ALA B 9 33.42 21.04 6.84
C ALA B 9 32.95 19.60 6.96
N ALA B 10 31.74 19.31 6.49
CA ALA B 10 31.12 18.00 6.64
C ALA B 10 31.17 17.25 5.31
N ALA B 11 31.69 16.02 5.35
CA ALA B 11 31.76 15.17 4.17
C ALA B 11 30.55 14.24 4.16
N ALA B 12 29.61 14.50 3.26
CA ALA B 12 28.38 13.71 3.15
C ALA B 12 28.56 12.67 2.06
N TRP B 13 29.11 11.50 2.45
CA TRP B 13 29.37 10.42 1.50
C TRP B 13 28.08 9.82 0.94
N LYS B 14 26.95 10.02 1.62
CA LYS B 14 25.67 9.45 1.21
C LYS B 14 25.81 7.93 1.19
N CYS B 15 25.13 7.24 0.28
CA CYS B 15 25.17 5.79 0.25
C CYS B 15 26.17 5.37 -0.83
N ASN B 16 27.45 5.55 -0.49
CA ASN B 16 28.56 5.23 -1.38
C ASN B 16 29.73 4.71 -0.56
N GLY B 17 30.55 3.88 -1.19
CA GLY B 17 31.77 3.43 -0.54
C GLY B 17 32.01 1.94 -0.52
N THR B 18 33.27 1.55 -0.65
CA THR B 18 33.73 0.19 -0.44
C THR B 18 34.85 0.21 0.60
N THR B 19 35.13 -0.96 1.18
CA THR B 19 36.19 -1.04 2.19
C THR B 19 37.51 -0.51 1.65
N ALA B 20 37.84 -0.82 0.39
CA ALA B 20 39.04 -0.27 -0.22
C ALA B 20 38.90 1.23 -0.46
N SER B 21 37.75 1.65 -1.01
CA SER B 21 37.50 3.07 -1.23
C SER B 21 37.71 3.87 0.06
N ILE B 22 37.07 3.45 1.14
CA ILE B 22 37.08 4.23 2.37
C ILE B 22 38.45 4.24 3.01
N GLU B 23 39.13 3.08 3.03
CA GLU B 23 40.47 3.02 3.62
C GLU B 23 41.45 3.94 2.86
N LYS B 24 41.37 3.93 1.54
CA LYS B 24 42.23 4.81 0.75
C LYS B 24 41.89 6.27 0.99
N LEU B 25 40.60 6.60 1.05
CA LEU B 25 40.20 8.00 1.25
C LEU B 25 40.54 8.49 2.65
N VAL B 26 40.30 7.66 3.67
CA VAL B 26 40.55 8.07 5.05
C VAL B 26 42.04 8.34 5.26
N GLN B 27 42.90 7.56 4.60
CA GLN B 27 44.33 7.82 4.70
C GLN B 27 44.68 9.19 4.14
N VAL B 28 44.03 9.58 3.04
CA VAL B 28 44.23 10.92 2.50
C VAL B 28 43.78 11.98 3.51
N PHE B 29 42.63 11.76 4.14
CA PHE B 29 42.14 12.70 5.14
C PHE B 29 43.13 12.82 6.31
N ASN B 30 43.72 11.71 6.73
CA ASN B 30 44.58 11.72 7.91
C ASN B 30 45.90 12.44 7.64
N GLU B 31 46.48 12.24 6.46
CA GLU B 31 47.75 12.88 6.12
C GLU B 31 47.58 14.37 5.83
N HIS B 32 46.36 14.88 5.78
CA HIS B 32 46.10 16.30 5.53
C HIS B 32 46.20 17.06 6.84
N THR B 33 47.28 17.82 7.01
CA THR B 33 47.50 18.61 8.22
C THR B 33 46.67 19.88 8.13
N ILE B 34 45.81 20.10 9.13
CA ILE B 34 44.92 21.26 9.18
C ILE B 34 45.36 22.13 10.35
N SER B 35 45.58 23.43 10.07
CA SER B 35 46.20 24.32 11.04
C SER B 35 45.26 25.35 11.65
N HIS B 36 44.09 25.57 11.06
CA HIS B 36 43.14 26.52 11.62
C HIS B 36 42.03 25.79 12.35
N ASP B 37 41.30 26.54 13.19
CA ASP B 37 40.22 25.96 13.98
C ASP B 37 39.04 25.65 13.08
N VAL B 38 38.77 24.37 12.85
CA VAL B 38 37.65 23.95 12.01
C VAL B 38 37.24 22.55 12.42
N GLN B 39 35.94 22.33 12.52
CA GLN B 39 35.39 21.03 12.89
C GLN B 39 35.02 20.28 11.62
N CYS B 40 35.75 19.20 11.34
CA CYS B 40 35.52 18.40 10.15
C CYS B 40 34.62 17.21 10.51
N VAL B 41 33.82 16.77 9.55
CA VAL B 41 32.82 15.72 9.79
C VAL B 41 32.80 14.76 8.61
N VAL B 42 32.99 13.47 8.88
CA VAL B 42 32.73 12.39 7.93
C VAL B 42 31.39 11.75 8.30
N ALA B 43 30.53 11.52 7.31
CA ALA B 43 29.21 10.93 7.52
C ALA B 43 29.04 9.75 6.58
N PRO B 44 29.52 8.58 6.98
CA PRO B 44 29.40 7.39 6.13
C PRO B 44 28.10 6.64 6.41
N THR B 45 27.87 5.61 5.59
CA THR B 45 26.76 4.69 5.82
C THR B 45 26.93 4.01 7.17
N PHE B 46 25.81 3.50 7.69
CA PHE B 46 25.82 2.86 9.00
C PHE B 46 26.84 1.73 9.08
N VAL B 47 26.89 0.86 8.05
CA VAL B 47 27.78 -0.30 8.10
C VAL B 47 29.24 0.09 8.00
N HIS B 48 29.54 1.31 7.55
CA HIS B 48 30.92 1.76 7.42
C HIS B 48 31.40 2.58 8.62
N ILE B 49 30.52 2.90 9.56
CA ILE B 49 30.95 3.62 10.76
C ILE B 49 32.03 2.90 11.52
N PRO B 50 31.94 1.59 11.79
CA PRO B 50 33.07 0.91 12.47
C PRO B 50 34.36 0.99 11.69
N LEU B 51 34.30 0.85 10.36
CA LEU B 51 35.52 0.95 9.55
C LEU B 51 36.13 2.34 9.67
N VAL B 52 35.30 3.38 9.54
CA VAL B 52 35.81 4.74 9.68
C VAL B 52 36.33 4.98 11.09
N GLN B 53 35.63 4.45 12.09
CA GLN B 53 36.10 4.57 13.47
C GLN B 53 37.48 3.97 13.63
N ALA B 54 37.77 2.89 12.91
CA ALA B 54 39.06 2.20 13.03
C ALA B 54 40.19 2.93 12.30
N LYS B 55 39.88 3.75 11.31
CA LYS B 55 40.89 4.34 10.43
C LYS B 55 41.02 5.85 10.55
N LEU B 56 39.91 6.55 10.74
CA LEU B 56 39.95 8.01 10.82
C LEU B 56 40.68 8.47 12.07
N ARG B 57 41.78 9.19 11.88
CA ARG B 57 42.62 9.63 12.98
C ARG B 57 42.89 11.13 13.02
N ASN B 58 42.66 11.87 11.94
CA ASN B 58 42.91 13.29 11.94
C ASN B 58 42.19 13.95 13.10
N PRO B 59 42.87 14.77 13.92
CA PRO B 59 42.23 15.32 15.12
C PRO B 59 41.12 16.31 14.83
N LYS B 60 41.04 16.87 13.63
CA LYS B 60 40.00 17.84 13.31
C LYS B 60 38.64 17.18 13.08
N TYR B 61 38.59 15.86 12.93
CA TYR B 61 37.39 15.17 12.46
C TYR B 61 36.60 14.55 13.61
N VAL B 62 35.27 14.53 13.43
CA VAL B 62 34.38 13.64 14.15
C VAL B 62 33.59 12.85 13.12
N ILE B 63 32.80 11.89 13.60
CA ILE B 63 32.01 11.01 12.73
C ILE B 63 30.53 11.25 13.01
N SER B 64 29.75 11.34 11.95
CA SER B 64 28.32 11.60 12.05
C SER B 64 27.54 10.51 11.33
N ALA B 65 26.36 10.17 11.88
CA ALA B 65 25.43 9.32 11.16
C ALA B 65 24.62 10.16 10.17
N GLN B 66 24.19 9.51 9.08
CA GLN B 66 23.41 10.19 8.05
C GLN B 66 21.93 10.27 8.39
N ASN B 67 21.49 9.60 9.45
CA ASN B 67 20.09 9.51 9.85
C ASN B 67 20.03 8.75 11.17
N ALA B 68 18.91 8.86 11.86
CA ALA B 68 18.69 8.15 13.11
C ALA B 68 17.22 8.27 13.49
N ILE B 69 16.77 7.34 14.32
CA ILE B 69 15.48 7.44 14.97
C ILE B 69 15.71 7.65 16.46
N ALA B 70 14.71 8.20 17.14
CA ALA B 70 14.90 8.66 18.51
C ALA B 70 15.02 7.51 19.50
N LYS B 71 14.31 6.41 19.30
CA LYS B 71 14.22 5.36 20.31
C LYS B 71 14.43 3.99 19.70
N SER B 72 15.08 3.12 20.48
CA SER B 72 15.25 1.73 20.10
C SER B 72 13.91 1.00 20.22
N GLY B 73 13.79 -0.09 19.48
CA GLY B 73 12.60 -0.91 19.58
C GLY B 73 12.32 -1.65 18.27
N ALA B 74 11.03 -1.84 18.00
CA ALA B 74 10.56 -2.66 16.89
C ALA B 74 10.53 -1.83 15.60
N PHE B 75 11.73 -1.47 15.14
CA PHE B 75 11.90 -0.58 14.00
C PHE B 75 12.89 -1.24 13.02
N THR B 76 12.43 -2.30 12.36
CA THR B 76 13.31 -3.09 11.51
C THR B 76 13.95 -2.22 10.42
N GLY B 77 15.28 -2.33 10.30
CA GLY B 77 16.03 -1.60 9.31
C GLY B 77 16.62 -0.28 9.79
N GLU B 78 16.13 0.26 10.90
CA GLU B 78 16.52 1.57 11.38
C GLU B 78 17.57 1.48 12.47
N VAL B 79 18.32 2.57 12.63
CA VAL B 79 19.30 2.71 13.70
C VAL B 79 18.82 3.81 14.64
N SER B 80 18.85 3.53 15.94
CA SER B 80 18.36 4.46 16.94
C SER B 80 19.50 5.29 17.52
N MET B 81 19.14 6.45 18.06
CA MET B 81 20.13 7.32 18.69
C MET B 81 20.82 6.68 19.89
N PRO B 82 20.15 5.97 20.79
CA PRO B 82 20.89 5.31 21.88
C PRO B 82 21.90 4.29 21.38
N ILE B 83 21.55 3.53 20.34
CA ILE B 83 22.51 2.62 19.72
C ILE B 83 23.70 3.39 19.18
N LEU B 84 23.46 4.60 18.67
CA LEU B 84 24.54 5.39 18.11
C LEU B 84 25.43 5.96 19.21
N LYS B 85 24.84 6.34 20.34
CA LYS B 85 25.65 6.79 21.47
C LYS B 85 26.50 5.65 22.02
N ASP B 86 25.94 4.44 22.06
CA ASP B 86 26.68 3.31 22.62
C ASP B 86 27.91 2.98 21.80
N ILE B 87 27.86 3.18 20.48
CA ILE B 87 29.02 2.89 19.65
C ILE B 87 29.99 4.06 19.55
N GLY B 88 29.67 5.18 20.18
CA GLY B 88 30.58 6.31 20.23
C GLY B 88 30.36 7.39 19.19
N VAL B 89 29.16 7.47 18.61
CA VAL B 89 28.86 8.47 17.59
C VAL B 89 28.00 9.57 18.23
N HIS B 90 28.45 10.81 18.11
CA HIS B 90 27.81 11.94 18.78
C HIS B 90 27.23 12.97 17.82
N TRP B 91 27.38 12.79 16.51
CA TRP B 91 26.81 13.67 15.52
C TRP B 91 25.82 12.91 14.66
N VAL B 92 24.83 13.61 14.12
CA VAL B 92 23.83 13.00 13.25
C VAL B 92 23.24 14.07 12.35
N ILE B 93 23.07 13.74 11.07
CA ILE B 93 22.42 14.61 10.11
C ILE B 93 20.95 14.24 10.06
N LEU B 94 20.08 15.25 10.22
CA LEU B 94 18.65 15.01 10.28
C LEU B 94 17.93 15.95 9.33
N GLY B 95 16.95 15.40 8.61
CA GLY B 95 16.13 16.20 7.72
C GLY B 95 16.71 16.43 6.34
N HIS B 96 17.66 15.61 5.91
CA HIS B 96 18.23 15.80 4.58
C HIS B 96 17.15 15.74 3.52
N SER B 97 17.32 16.56 2.48
CA SER B 97 16.30 16.66 1.42
C SER B 97 15.99 15.30 0.81
N GLU B 98 16.99 14.42 0.72
CA GLU B 98 16.75 13.09 0.15
C GLU B 98 15.85 12.25 1.03
N ARG B 99 15.91 12.45 2.34
CA ARG B 99 15.00 11.73 3.23
C ARG B 99 13.61 12.37 3.26
N ARG B 100 13.55 13.70 3.21
CA ARG B 100 12.26 14.37 3.11
C ARG B 100 11.55 14.06 1.79
N THR B 101 12.32 13.82 0.73
CA THR B 101 11.75 13.58 -0.59
C THR B 101 11.45 12.10 -0.83
N TYR B 102 12.48 11.26 -0.78
CA TYR B 102 12.29 9.85 -1.12
C TYR B 102 11.51 9.11 -0.05
N TYR B 103 11.81 9.37 1.22
CA TYR B 103 11.30 8.57 2.32
C TYR B 103 10.28 9.29 3.18
N GLY B 104 9.73 10.41 2.69
CA GLY B 104 8.55 11.01 3.27
C GLY B 104 8.71 11.60 4.66
N GLU B 105 9.89 12.11 4.99
CA GLU B 105 10.10 12.74 6.29
C GLU B 105 9.49 14.14 6.28
N THR B 106 8.62 14.42 7.26
CA THR B 106 7.93 15.69 7.37
C THR B 106 8.63 16.60 8.37
N ASP B 107 8.13 17.84 8.47
CA ASP B 107 8.65 18.77 9.48
C ASP B 107 8.43 18.24 10.89
N GLU B 108 7.27 17.60 11.12
CA GLU B 108 6.99 17.06 12.45
C GLU B 108 7.95 15.93 12.81
N ILE B 109 8.27 15.07 11.84
N ILE B 109 8.27 15.07 11.84
CA ILE B 109 9.22 13.99 12.09
CA ILE B 109 9.23 13.98 12.08
C ILE B 109 10.63 14.55 12.25
C ILE B 109 10.63 14.55 12.25
N VAL B 110 11.03 15.46 11.36
CA VAL B 110 12.39 16.01 11.44
C VAL B 110 12.57 16.80 12.73
N ALA B 111 11.61 17.65 13.09
CA ALA B 111 11.75 18.45 14.31
C ALA B 111 11.81 17.56 15.55
N GLN B 112 11.05 16.45 15.54
CA GLN B 112 11.08 15.53 16.66
C GLN B 112 12.42 14.80 16.75
N LYS B 113 13.05 14.52 15.61
CA LYS B 113 14.37 13.87 15.63
C LYS B 113 15.44 14.83 16.13
N VAL B 114 15.35 16.11 15.75
CA VAL B 114 16.33 17.09 16.22
C VAL B 114 16.20 17.31 17.72
N SER B 115 14.96 17.45 18.21
CA SER B 115 14.76 17.70 19.63
C SER B 115 15.21 16.51 20.48
N GLU B 116 14.89 15.29 20.02
CA GLU B 116 15.30 14.11 20.79
C GLU B 116 16.81 13.88 20.70
N ALA B 117 17.42 14.22 19.57
CA ALA B 117 18.87 14.12 19.47
C ALA B 117 19.55 15.13 20.38
N CYS B 118 19.01 16.35 20.48
CA CYS B 118 19.59 17.34 21.38
C CYS B 118 19.42 16.93 22.83
N LYS B 119 18.32 16.25 23.16
CA LYS B 119 18.12 15.77 24.53
C LYS B 119 19.08 14.64 24.87
N GLN B 120 19.50 13.86 23.87
CA GLN B 120 20.41 12.74 24.08
C GLN B 120 21.87 13.12 23.85
N GLY B 121 22.19 14.42 23.84
CA GLY B 121 23.58 14.84 23.78
C GLY B 121 24.21 14.85 22.41
N PHE B 122 23.41 14.80 21.34
CA PHE B 122 23.96 14.82 20.00
C PHE B 122 24.27 16.24 19.54
N MET B 123 25.27 16.35 18.68
CA MET B 123 25.42 17.51 17.82
C MET B 123 24.68 17.23 16.53
N VAL B 124 23.82 18.16 16.11
CA VAL B 124 22.88 17.92 15.03
C VAL B 124 23.17 18.86 13.87
N ILE B 125 23.24 18.31 12.67
CA ILE B 125 23.23 19.06 11.42
C ILE B 125 21.86 18.87 10.81
N ALA B 126 20.97 19.86 11.00
CA ALA B 126 19.61 19.79 10.51
C ALA B 126 19.51 20.52 9.17
N CYS B 127 18.90 19.84 8.20
CA CYS B 127 18.87 20.32 6.81
C CYS B 127 17.53 20.94 6.48
N ILE B 128 17.58 22.08 5.79
CA ILE B 128 16.39 22.73 5.26
C ILE B 128 16.67 23.18 3.83
N GLY B 129 15.61 23.33 3.06
CA GLY B 129 15.76 23.75 1.68
C GLY B 129 14.41 23.79 0.99
N GLU B 130 14.38 24.49 -0.14
CA GLU B 130 13.18 24.69 -0.91
C GLU B 130 13.36 24.18 -2.34
N THR B 131 12.25 23.79 -2.96
CA THR B 131 12.26 23.26 -4.32
C THR B 131 12.27 24.41 -5.32
N LEU B 132 12.44 24.05 -6.60
CA LEU B 132 12.34 25.04 -7.66
C LEU B 132 10.94 25.64 -7.71
N GLN B 133 9.92 24.77 -7.80
CA GLN B 133 8.54 25.22 -7.78
C GLN B 133 8.27 26.19 -6.64
N GLN B 134 8.85 25.92 -5.47
CA GLN B 134 8.70 26.85 -4.35
C GLN B 134 9.48 28.14 -4.59
N ARG B 135 10.70 28.03 -5.13
CA ARG B 135 11.46 29.22 -5.48
C ARG B 135 10.78 30.02 -6.58
N GLU B 136 10.08 29.35 -7.51
CA GLU B 136 9.38 30.07 -8.56
C GLU B 136 8.23 30.90 -8.00
N ALA B 137 7.64 30.45 -6.90
CA ALA B 137 6.47 31.09 -6.32
C ALA B 137 6.82 32.17 -5.31
N ASN B 138 8.10 32.54 -5.20
CA ASN B 138 8.56 33.50 -4.19
C ASN B 138 8.26 32.99 -2.78
N GLN B 139 8.67 31.75 -2.52
CA GLN B 139 8.38 31.09 -1.26
C GLN B 139 9.63 30.58 -0.55
N THR B 140 10.81 31.02 -0.98
CA THR B 140 12.05 30.59 -0.32
C THR B 140 11.98 30.85 1.19
N ALA B 141 11.65 32.07 1.57
CA ALA B 141 11.50 32.40 2.99
C ALA B 141 10.37 31.60 3.62
N LYS B 142 9.20 31.58 2.96
CA LYS B 142 8.05 30.84 3.49
C LYS B 142 8.43 29.42 3.89
N VAL B 143 9.20 28.73 3.05
CA VAL B 143 9.48 27.33 3.31
C VAL B 143 10.60 27.19 4.35
N VAL B 144 11.76 27.81 4.11
CA VAL B 144 12.90 27.56 4.99
C VAL B 144 12.65 28.07 6.40
N LEU B 145 11.80 29.09 6.54
CA LEU B 145 11.44 29.56 7.87
C LEU B 145 10.37 28.68 8.50
N SER B 146 9.46 28.13 7.69
CA SER B 146 8.51 27.15 8.22
C SER B 146 9.24 25.89 8.66
N GLN B 147 10.29 25.50 7.95
CA GLN B 147 11.08 24.35 8.36
C GLN B 147 11.95 24.65 9.57
N THR B 148 12.43 25.89 9.69
CA THR B 148 13.26 26.26 10.84
C THR B 148 12.42 26.55 12.08
N SER B 149 11.21 27.09 11.91
N SER B 149 11.21 27.10 11.91
CA SER B 149 10.36 27.34 13.06
CA SER B 149 10.35 27.34 13.06
C SER B 149 9.83 26.04 13.66
C SER B 149 9.85 26.03 13.66
N ALA B 150 9.55 25.04 12.82
CA ALA B 150 9.10 23.76 13.33
C ALA B 150 10.16 23.10 14.21
N ILE B 151 11.43 23.20 13.80
CA ILE B 151 12.52 22.67 14.61
C ILE B 151 12.68 23.47 15.89
N ALA B 152 12.71 24.80 15.78
CA ALA B 152 12.90 25.65 16.95
C ALA B 152 11.77 25.49 17.96
N ALA B 153 10.56 25.14 17.50
CA ALA B 153 9.42 25.03 18.38
C ALA B 153 9.57 23.88 19.38
N LYS B 154 10.50 22.95 19.14
CA LYS B 154 10.71 21.82 20.04
C LYS B 154 12.04 21.92 20.78
N LEU B 155 12.72 23.05 20.70
CA LEU B 155 13.97 23.26 21.41
C LEU B 155 13.85 24.45 22.36
N THR B 156 14.74 24.47 23.35
CA THR B 156 14.94 25.63 24.21
C THR B 156 16.24 26.31 23.82
N LYS B 157 16.57 27.38 24.54
CA LYS B 157 17.72 28.20 24.19
C LYS B 157 19.01 27.38 24.24
N ASP B 158 19.27 26.71 25.37
CA ASP B 158 20.54 26.02 25.54
C ASP B 158 20.74 24.91 24.52
N ALA B 159 19.64 24.33 24.01
CA ALA B 159 19.75 23.24 23.04
C ALA B 159 20.33 23.71 21.71
N TRP B 160 20.35 25.01 21.45
CA TRP B 160 20.83 25.53 20.18
C TRP B 160 22.34 25.48 20.03
N ASN B 161 23.07 25.23 21.12
CA ASN B 161 24.52 25.03 21.03
C ASN B 161 24.88 23.70 20.40
N GLN B 162 23.92 22.78 20.26
CA GLN B 162 24.11 21.53 19.55
C GLN B 162 23.60 21.58 18.12
N VAL B 163 22.88 22.63 17.74
CA VAL B 163 22.18 22.68 16.46
C VAL B 163 23.07 23.34 15.42
N VAL B 164 23.11 22.73 14.23
CA VAL B 164 23.77 23.28 13.07
C VAL B 164 22.80 23.19 11.91
N LEU B 165 22.68 24.26 11.13
CA LEU B 165 21.78 24.28 9.99
C LEU B 165 22.58 24.11 8.70
N ALA B 166 22.01 23.39 7.75
CA ALA B 166 22.60 23.17 6.43
C ALA B 166 21.56 23.51 5.39
N TYR B 167 21.84 24.55 4.59
CA TYR B 167 20.91 24.99 3.55
C TYR B 167 21.14 24.17 2.29
N GLU B 168 20.11 23.43 1.87
CA GLU B 168 20.17 22.70 0.61
C GLU B 168 19.45 23.50 -0.46
N PRO B 169 20.14 24.02 -1.48
CA PRO B 169 19.43 24.59 -2.62
C PRO B 169 18.81 23.53 -3.50
N VAL B 170 17.77 22.85 -2.98
CA VAL B 170 17.14 21.74 -3.71
C VAL B 170 16.69 22.18 -5.09
N TRP B 171 16.34 23.46 -5.24
CA TRP B 171 15.99 24.01 -6.55
C TRP B 171 17.14 23.96 -7.54
N ALA B 172 18.38 23.79 -7.06
CA ALA B 172 19.55 23.70 -7.91
C ALA B 172 20.16 22.30 -7.88
N ILE B 173 19.32 21.28 -7.67
CA ILE B 173 19.76 19.90 -7.55
C ILE B 173 19.05 19.08 -8.64
N GLY B 174 19.81 18.59 -9.62
CA GLY B 174 19.25 17.74 -10.65
C GLY B 174 18.21 18.42 -11.52
N THR B 175 18.10 19.74 -11.40
CA THR B 175 17.14 20.53 -12.15
C THR B 175 17.76 21.21 -13.35
N GLY B 176 19.08 21.19 -13.49
CA GLY B 176 19.75 21.98 -14.50
C GLY B 176 19.89 23.44 -14.15
N LYS B 177 19.49 23.85 -12.95
CA LYS B 177 19.58 25.23 -12.49
C LYS B 177 20.73 25.36 -11.51
N VAL B 178 21.29 26.57 -11.43
CA VAL B 178 22.51 26.81 -10.66
C VAL B 178 22.23 27.81 -9.55
N ALA B 179 23.04 27.72 -8.49
CA ALA B 179 22.92 28.59 -7.31
C ALA B 179 24.22 29.37 -7.14
N THR B 180 24.12 30.71 -7.18
CA THR B 180 25.28 31.58 -7.06
C THR B 180 25.65 31.77 -5.59
N PRO B 181 26.93 32.08 -5.31
CA PRO B 181 27.32 32.41 -3.93
C PRO B 181 26.54 33.58 -3.34
N GLU B 182 25.99 34.46 -4.18
CA GLU B 182 25.14 35.52 -3.65
C GLU B 182 23.77 35.00 -3.24
N GLN B 183 23.21 34.10 -4.05
CA GLN B 183 21.92 33.49 -3.70
C GLN B 183 22.02 32.65 -2.44
N ALA B 184 23.16 32.00 -2.21
CA ALA B 184 23.34 31.25 -0.97
C ALA B 184 23.45 32.18 0.23
N GLN B 185 24.29 33.22 0.13
CA GLN B 185 24.43 34.18 1.21
C GLN B 185 23.09 34.83 1.56
N GLU B 186 22.21 35.00 0.57
CA GLU B 186 20.90 35.60 0.84
C GLU B 186 20.06 34.72 1.76
N VAL B 187 19.99 33.42 1.48
CA VAL B 187 19.23 32.52 2.34
C VAL B 187 19.92 32.36 3.70
N HIS B 188 21.25 32.37 3.71
CA HIS B 188 21.97 32.17 4.96
C HIS B 188 21.75 33.34 5.91
N LEU B 189 21.67 34.56 5.40
CA LEU B 189 21.37 35.70 6.26
C LEU B 189 19.90 35.77 6.60
N LEU B 190 19.04 35.40 5.66
CA LEU B 190 17.60 35.28 5.94
C LEU B 190 17.34 34.39 7.14
N LEU B 191 18.08 33.28 7.24
CA LEU B 191 17.91 32.34 8.33
C LEU B 191 18.47 32.88 9.64
N ARG B 192 19.64 33.52 9.59
CA ARG B 192 20.24 34.02 10.83
C ARG B 192 19.39 35.14 11.44
N LYS B 193 18.76 35.97 10.61
CA LYS B 193 17.93 37.04 11.16
C LYS B 193 16.69 36.49 11.83
N TRP B 194 16.08 35.45 11.24
CA TRP B 194 14.97 34.77 11.91
C TRP B 194 15.41 34.22 13.26
N VAL B 195 16.59 33.58 13.30
CA VAL B 195 17.10 33.04 14.55
C VAL B 195 17.43 34.17 15.52
N SER B 196 18.00 35.27 15.00
CA SER B 196 18.28 36.42 15.85
C SER B 196 17.00 36.98 16.45
N GLU B 197 15.96 37.13 15.64
CA GLU B 197 14.71 37.71 16.11
C GLU B 197 13.96 36.75 17.03
N ASN B 198 13.91 35.47 16.70
CA ASN B 198 12.99 34.55 17.35
C ASN B 198 13.61 33.79 18.52
N ILE B 199 14.92 33.57 18.50
CA ILE B 199 15.60 32.78 19.53
C ILE B 199 16.50 33.67 20.40
N GLY B 200 17.37 34.45 19.78
CA GLY B 200 18.24 35.33 20.51
C GLY B 200 19.38 35.83 19.66
N THR B 201 19.95 36.97 20.07
CA THR B 201 21.03 37.58 19.30
C THR B 201 22.33 36.80 19.47
N ASP B 202 22.66 36.42 20.70
CA ASP B 202 23.87 35.61 20.91
C ASP B 202 23.75 34.25 20.22
N VAL B 203 22.55 33.70 20.15
CA VAL B 203 22.36 32.41 19.49
C VAL B 203 22.62 32.52 18.00
N ALA B 204 22.19 33.63 17.39
CA ALA B 204 22.38 33.80 15.94
C ALA B 204 23.85 33.94 15.59
N ALA B 205 24.59 34.78 16.32
CA ALA B 205 25.98 35.04 15.98
C ALA B 205 26.84 33.79 16.07
N LYS B 206 26.51 32.88 17.01
CA LYS B 206 27.30 31.67 17.20
C LYS B 206 26.83 30.50 16.35
N LEU B 207 25.60 30.55 15.84
CA LEU B 207 25.04 29.42 15.11
C LEU B 207 25.81 29.20 13.81
N ARG B 208 26.08 27.93 13.49
CA ARG B 208 26.75 27.57 12.25
C ARG B 208 25.70 27.25 11.19
N ILE B 209 25.75 27.97 10.08
CA ILE B 209 24.87 27.75 8.94
C ILE B 209 25.72 27.25 7.78
N LEU B 210 25.55 25.99 7.42
CA LEU B 210 26.36 25.37 6.38
C LEU B 210 25.64 25.42 5.04
N TYR B 211 26.42 25.55 3.97
CA TYR B 211 25.90 25.52 2.61
C TYR B 211 25.91 24.08 2.10
N GLY B 212 24.76 23.57 1.71
CA GLY B 212 24.65 22.20 1.27
C GLY B 212 24.43 22.04 -0.23
N GLY B 213 25.02 22.93 -1.02
CA GLY B 213 24.92 22.87 -2.46
C GLY B 213 26.20 22.37 -3.11
N SER B 214 26.35 22.70 -4.40
CA SER B 214 27.52 22.28 -5.15
C SER B 214 28.75 23.00 -4.63
N VAL B 215 29.69 22.24 -4.07
CA VAL B 215 30.93 22.78 -3.51
C VAL B 215 32.10 21.97 -4.05
N ASN B 216 33.10 22.66 -4.58
CA ASN B 216 34.31 22.03 -5.08
C ASN B 216 35.50 22.90 -4.69
N ALA B 217 36.68 22.54 -5.18
CA ALA B 217 37.88 23.28 -4.81
C ALA B 217 37.93 24.68 -5.41
N ALA B 218 37.08 24.99 -6.38
CA ALA B 218 37.15 26.27 -7.09
C ALA B 218 36.26 27.34 -6.47
N ASN B 219 35.11 26.97 -5.94
CA ASN B 219 34.15 27.95 -5.42
C ASN B 219 33.98 27.88 -3.91
N ALA B 220 34.80 27.06 -3.22
CA ALA B 220 34.64 26.92 -1.78
C ALA B 220 35.06 28.18 -1.05
N ALA B 221 36.25 28.71 -1.37
CA ALA B 221 36.74 29.91 -0.70
C ALA B 221 35.82 31.10 -0.95
N THR B 222 35.40 31.28 -2.21
CA THR B 222 34.50 32.39 -2.51
C THR B 222 33.16 32.21 -1.80
N LEU B 223 32.69 30.97 -1.66
CA LEU B 223 31.50 30.72 -0.86
C LEU B 223 31.75 31.06 0.61
N TYR B 224 32.86 30.58 1.17
CA TYR B 224 33.15 30.88 2.57
C TYR B 224 33.49 32.34 2.79
N ALA B 225 33.81 33.08 1.72
CA ALA B 225 34.06 34.51 1.85
C ALA B 225 32.83 35.28 2.31
N LYS B 226 31.64 34.74 2.07
CA LYS B 226 30.42 35.43 2.48
C LYS B 226 30.27 35.39 4.00
N PRO B 227 29.68 36.43 4.60
CA PRO B 227 29.74 36.57 6.06
C PRO B 227 28.83 35.64 6.84
N ASP B 228 27.76 35.13 6.24
N ASP B 228 27.76 35.13 6.25
CA ASP B 228 26.78 34.29 6.92
CA ASP B 228 26.83 34.27 6.97
C ASP B 228 27.00 32.80 6.68
C ASP B 228 26.89 32.83 6.51
N ILE B 229 27.98 32.43 5.86
CA ILE B 229 28.24 31.04 5.51
C ILE B 229 29.32 30.52 6.46
N ASN B 230 29.01 29.44 7.17
CA ASN B 230 29.88 28.92 8.22
C ASN B 230 30.52 27.59 7.84
N GLY B 231 30.50 27.22 6.57
CA GLY B 231 31.06 25.96 6.15
C GLY B 231 30.16 25.29 5.15
N PHE B 232 30.37 23.99 4.94
CA PHE B 232 29.73 23.30 3.84
C PHE B 232 29.28 21.91 4.26
N LEU B 233 28.23 21.44 3.59
CA LEU B 233 27.81 20.04 3.62
C LEU B 233 28.10 19.51 2.21
N VAL B 234 29.28 18.93 2.04
CA VAL B 234 29.80 18.60 0.72
C VAL B 234 29.30 17.24 0.27
N GLY B 235 28.91 17.13 -1.00
CA GLY B 235 28.47 15.86 -1.53
C GLY B 235 29.50 15.13 -2.36
N GLY B 236 29.47 15.35 -3.67
CA GLY B 236 30.33 14.59 -4.58
C GLY B 236 31.80 14.79 -4.29
N ALA B 237 32.20 16.04 -4.02
CA ALA B 237 33.62 16.32 -3.78
C ALA B 237 34.13 15.72 -2.48
N SER B 238 33.24 15.34 -1.57
CA SER B 238 33.67 14.78 -0.29
C SER B 238 34.23 13.37 -0.43
N LEU B 239 33.89 12.66 -1.51
CA LEU B 239 34.42 11.34 -1.77
C LEU B 239 35.76 11.38 -2.50
N LYS B 240 36.45 12.51 -2.46
CA LYS B 240 37.67 12.73 -3.20
C LYS B 240 38.69 13.43 -2.31
N PRO B 241 39.98 13.32 -2.63
CA PRO B 241 40.97 14.18 -1.96
C PRO B 241 40.69 15.66 -2.11
N GLU B 242 39.85 16.03 -3.09
CA GLU B 242 39.38 17.40 -3.24
C GLU B 242 38.79 17.96 -1.95
N PHE B 243 38.29 17.10 -1.06
CA PHE B 243 37.72 17.56 0.20
C PHE B 243 38.74 18.30 1.06
N ARG B 244 40.02 17.96 0.92
CA ARG B 244 41.06 18.68 1.65
C ARG B 244 41.08 20.16 1.27
N ASP B 245 41.05 20.45 -0.04
CA ASP B 245 41.05 21.84 -0.48
C ASP B 245 39.81 22.57 0.02
N ILE B 246 38.67 21.90 0.06
CA ILE B 246 37.45 22.50 0.59
C ILE B 246 37.63 22.88 2.05
N ILE B 247 38.33 22.04 2.81
CA ILE B 247 38.63 22.37 4.20
C ILE B 247 39.61 23.54 4.26
N ASP B 248 40.62 23.53 3.39
CA ASP B 248 41.57 24.64 3.33
C ASP B 248 40.85 25.96 3.11
N ALA B 249 39.77 25.95 2.32
CA ALA B 249 39.07 27.17 1.96
C ALA B 249 38.24 27.73 3.11
N THR B 250 38.11 27.02 4.23
CA THR B 250 37.38 27.54 5.38
C THR B 250 38.25 28.39 6.29
N ARG B 251 39.47 28.71 5.88
CA ARG B 251 40.33 29.59 6.66
C ARG B 251 40.07 31.06 6.29
N LYS C 4 -13.37 31.78 2.61
CA LYS C 4 -13.67 30.36 2.42
C LYS C 4 -14.36 30.10 1.09
N PRO C 5 -13.99 29.01 0.41
CA PRO C 5 -14.68 28.65 -0.83
C PRO C 5 -16.02 27.99 -0.57
N GLN C 6 -16.68 27.54 -1.63
CA GLN C 6 -18.02 26.96 -1.51
C GLN C 6 -17.98 25.70 -0.64
N PRO C 7 -18.75 25.65 0.43
CA PRO C 7 -18.78 24.44 1.26
C PRO C 7 -19.50 23.29 0.57
N ILE C 8 -19.21 22.08 1.04
CA ILE C 8 -19.79 20.85 0.51
C ILE C 8 -20.27 20.00 1.69
N ALA C 9 -21.47 19.45 1.58
CA ALA C 9 -22.00 18.50 2.55
C ALA C 9 -22.38 17.23 1.79
N ALA C 10 -21.56 16.19 1.92
CA ALA C 10 -21.72 14.96 1.16
C ALA C 10 -22.33 13.87 2.04
N ALA C 11 -23.26 13.12 1.46
CA ALA C 11 -23.98 12.05 2.16
C ALA C 11 -23.42 10.70 1.69
N ALA C 12 -22.35 10.25 2.32
CA ALA C 12 -21.74 8.96 2.00
C ALA C 12 -22.54 7.86 2.68
N TRP C 13 -23.46 7.27 1.92
CA TRP C 13 -24.31 6.21 2.47
C TRP C 13 -23.59 4.87 2.58
N LYS C 14 -22.50 4.69 1.84
CA LYS C 14 -21.73 3.44 1.80
C LYS C 14 -22.65 2.34 1.26
N CYS C 15 -22.38 1.09 1.64
CA CYS C 15 -23.16 -0.05 1.19
C CYS C 15 -24.35 -0.21 2.13
N ASN C 16 -25.35 0.64 1.92
CA ASN C 16 -26.52 0.70 2.79
C ASN C 16 -27.70 1.20 2.00
N GLY C 17 -28.90 0.74 2.38
CA GLY C 17 -30.10 1.30 1.80
C GLY C 17 -31.04 0.30 1.15
N THR C 18 -32.32 0.65 1.14
CA THR C 18 -33.37 -0.08 0.43
C THR C 18 -34.13 0.91 -0.43
N THR C 19 -35.04 0.40 -1.25
CA THR C 19 -35.86 1.29 -2.07
C THR C 19 -36.73 2.19 -1.19
N ALA C 20 -37.35 1.61 -0.16
CA ALA C 20 -38.24 2.39 0.70
C ALA C 20 -37.44 3.40 1.54
N SER C 21 -36.37 2.93 2.20
CA SER C 21 -35.59 3.80 3.07
C SER C 21 -34.99 4.97 2.30
N ILE C 22 -34.62 4.75 1.03
CA ILE C 22 -34.03 5.83 0.25
C ILE C 22 -35.10 6.82 -0.21
N GLU C 23 -36.21 6.32 -0.74
N GLU C 23 -36.22 6.32 -0.73
CA GLU C 23 -37.28 7.21 -1.18
CA GLU C 23 -37.29 7.21 -1.18
C GLU C 23 -37.80 8.06 -0.03
C GLU C 23 -37.83 8.05 -0.04
N LYS C 24 -37.92 7.47 1.16
CA LYS C 24 -38.39 8.23 2.31
C LYS C 24 -37.41 9.33 2.69
N LEU C 25 -36.11 9.01 2.65
CA LEU C 25 -35.09 9.97 3.08
C LEU C 25 -34.85 11.06 2.04
N VAL C 26 -34.87 10.69 0.75
CA VAL C 26 -34.63 11.68 -0.30
C VAL C 26 -35.74 12.72 -0.34
N GLN C 27 -36.99 12.29 -0.11
CA GLN C 27 -38.09 13.24 -0.01
C GLN C 27 -37.86 14.23 1.13
N VAL C 28 -37.19 13.79 2.19
CA VAL C 28 -36.86 14.68 3.29
C VAL C 28 -35.85 15.73 2.84
N PHE C 29 -34.87 15.32 2.02
CA PHE C 29 -33.91 16.28 1.50
C PHE C 29 -34.58 17.28 0.55
N ASN C 30 -35.57 16.84 -0.22
CA ASN C 30 -36.25 17.72 -1.14
C ASN C 30 -37.04 18.80 -0.40
N GLU C 31 -37.71 18.43 0.68
CA GLU C 31 -38.52 19.38 1.45
C GLU C 31 -37.70 20.24 2.39
N HIS C 32 -36.38 20.04 2.45
CA HIS C 32 -35.49 20.86 3.26
C HIS C 32 -34.96 22.00 2.38
N THR C 33 -35.33 23.23 2.71
CA THR C 33 -34.94 24.39 1.91
C THR C 33 -33.60 24.94 2.41
N ILE C 34 -32.68 25.14 1.48
CA ILE C 34 -31.37 25.73 1.77
C ILE C 34 -31.23 26.98 0.92
N SER C 35 -30.78 28.08 1.52
CA SER C 35 -30.63 29.33 0.79
C SER C 35 -29.18 29.77 0.62
N HIS C 36 -28.25 29.23 1.42
CA HIS C 36 -26.85 29.63 1.29
C HIS C 36 -26.14 28.77 0.24
N ASP C 37 -24.98 29.25 -0.19
CA ASP C 37 -24.24 28.64 -1.29
C ASP C 37 -23.48 27.44 -0.75
N VAL C 38 -24.06 26.25 -0.95
CA VAL C 38 -23.43 25.00 -0.53
C VAL C 38 -23.77 23.94 -1.57
N GLN C 39 -22.76 23.15 -1.95
CA GLN C 39 -22.95 22.04 -2.88
C GLN C 39 -23.17 20.78 -2.05
N CYS C 40 -24.40 20.27 -2.07
CA CYS C 40 -24.74 19.08 -1.34
C CYS C 40 -24.57 17.88 -2.27
N VAL C 41 -24.02 16.78 -1.72
CA VAL C 41 -23.70 15.60 -2.50
C VAL C 41 -24.33 14.39 -1.82
N VAL C 42 -24.91 13.49 -2.61
CA VAL C 42 -25.40 12.21 -2.12
C VAL C 42 -24.74 11.10 -2.94
N ALA C 43 -24.11 10.15 -2.25
CA ALA C 43 -23.35 9.07 -2.88
C ALA C 43 -23.97 7.73 -2.53
N PRO C 44 -24.93 7.24 -3.32
CA PRO C 44 -25.52 5.93 -3.03
C PRO C 44 -24.75 4.79 -3.66
N THR C 45 -25.24 3.56 -3.50
CA THR C 45 -24.65 2.44 -4.20
C THR C 45 -24.92 2.55 -5.70
N PHE C 46 -24.18 1.77 -6.49
CA PHE C 46 -24.35 1.82 -7.93
C PHE C 46 -25.78 1.49 -8.34
N VAL C 47 -26.38 0.47 -7.71
CA VAL C 47 -27.73 0.05 -8.06
C VAL C 47 -28.78 1.03 -7.59
N HIS C 48 -28.39 2.00 -6.76
CA HIS C 48 -29.31 3.01 -6.23
C HIS C 48 -29.20 4.34 -6.94
N ILE C 49 -28.23 4.50 -7.85
CA ILE C 49 -28.08 5.78 -8.56
C ILE C 49 -29.31 6.13 -9.39
N PRO C 50 -29.84 5.24 -10.24
CA PRO C 50 -31.04 5.61 -11.01
C PRO C 50 -32.25 5.91 -10.13
N LEU C 51 -32.39 5.22 -9.01
CA LEU C 51 -33.48 5.53 -8.09
C LEU C 51 -33.33 6.94 -7.53
N VAL C 52 -32.14 7.28 -7.05
CA VAL C 52 -31.90 8.61 -6.53
C VAL C 52 -32.03 9.67 -7.62
N GLN C 53 -31.60 9.33 -8.85
CA GLN C 53 -31.69 10.28 -9.96
C GLN C 53 -33.13 10.65 -10.26
N ALA C 54 -34.07 9.74 -10.01
CA ALA C 54 -35.47 9.96 -10.35
C ALA C 54 -36.22 10.74 -9.28
N LYS C 55 -35.90 10.51 -8.00
CA LYS C 55 -36.69 11.04 -6.91
C LYS C 55 -36.06 12.25 -6.22
N LEU C 56 -34.80 12.56 -6.47
CA LEU C 56 -34.14 13.70 -5.84
C LEU C 56 -34.40 14.95 -6.67
N ARG C 57 -35.03 15.96 -6.05
CA ARG C 57 -35.43 17.19 -6.73
C ARG C 57 -34.76 18.43 -6.19
N ASN C 58 -34.17 18.36 -5.02
CA ASN C 58 -33.57 19.54 -4.40
C ASN C 58 -32.39 20.03 -5.24
N PRO C 59 -32.44 21.25 -5.80
CA PRO C 59 -31.40 21.66 -6.76
C PRO C 59 -30.05 21.95 -6.13
N LYS C 60 -29.95 21.98 -4.81
CA LYS C 60 -28.67 22.16 -4.14
C LYS C 60 -27.85 20.87 -4.10
N TYR C 61 -28.30 19.82 -4.79
CA TYR C 61 -27.70 18.50 -4.69
C TYR C 61 -27.12 18.07 -6.03
N VAL C 62 -26.06 17.26 -5.94
CA VAL C 62 -25.56 16.47 -7.06
C VAL C 62 -25.37 15.05 -6.55
N ILE C 63 -25.42 14.09 -7.47
CA ILE C 63 -25.28 12.68 -7.15
C ILE C 63 -23.86 12.24 -7.48
N SER C 64 -23.24 11.51 -6.56
CA SER C 64 -21.87 11.05 -6.71
C SER C 64 -21.82 9.53 -6.68
N ALA C 65 -20.82 8.98 -7.35
CA ALA C 65 -20.51 7.56 -7.23
C ALA C 65 -19.55 7.33 -6.07
N GLN C 66 -19.61 6.12 -5.51
CA GLN C 66 -18.75 5.76 -4.39
C GLN C 66 -17.39 5.23 -4.82
N ASN C 67 -17.21 4.93 -6.11
CA ASN C 67 -16.02 4.31 -6.65
C ASN C 67 -16.23 4.21 -8.16
N ALA C 68 -15.13 4.03 -8.89
CA ALA C 68 -15.19 3.83 -10.33
C ALA C 68 -13.82 3.37 -10.82
N ILE C 69 -13.80 2.82 -12.02
CA ILE C 69 -12.55 2.53 -12.72
C ILE C 69 -12.46 3.41 -13.96
N ALA C 70 -11.26 3.48 -14.54
CA ALA C 70 -10.98 4.48 -15.56
C ALA C 70 -11.68 4.15 -16.88
N LYS C 71 -11.57 2.90 -17.33
CA LYS C 71 -11.97 2.53 -18.68
C LYS C 71 -12.94 1.36 -18.64
N SER C 72 -13.94 1.39 -19.53
CA SER C 72 -14.83 0.26 -19.71
C SER C 72 -14.08 -0.92 -20.34
N GLY C 73 -14.70 -2.08 -20.27
CA GLY C 73 -14.10 -3.26 -20.87
C GLY C 73 -14.40 -4.51 -20.06
N ALA C 74 -13.47 -5.46 -20.11
CA ALA C 74 -13.65 -6.78 -19.51
C ALA C 74 -13.21 -6.73 -18.04
N PHE C 75 -14.01 -6.03 -17.23
CA PHE C 75 -13.74 -5.82 -15.81
C PHE C 75 -15.01 -6.16 -15.05
N THR C 76 -15.29 -7.47 -14.94
CA THR C 76 -16.56 -7.95 -14.39
C THR C 76 -16.78 -7.42 -12.97
N GLY C 77 -17.99 -6.92 -12.72
CA GLY C 77 -18.37 -6.45 -11.40
C GLY C 77 -18.10 -4.98 -11.13
N GLU C 78 -17.46 -4.27 -12.04
CA GLU C 78 -17.04 -2.89 -11.84
C GLU C 78 -17.87 -1.94 -12.70
N VAL C 79 -17.82 -0.66 -12.34
CA VAL C 79 -18.46 0.41 -13.09
C VAL C 79 -17.38 1.37 -13.55
N SER C 80 -17.39 1.70 -14.84
CA SER C 80 -16.39 2.58 -15.41
C SER C 80 -16.83 4.03 -15.38
N MET C 81 -15.84 4.92 -15.40
CA MET C 81 -16.13 6.35 -15.47
C MET C 81 -16.88 6.76 -16.73
N PRO C 82 -16.54 6.27 -17.94
CA PRO C 82 -17.37 6.61 -19.10
C PRO C 82 -18.80 6.10 -18.99
N ILE C 83 -19.02 5.03 -18.23
CA ILE C 83 -20.39 4.56 -18.00
C ILE C 83 -21.12 5.54 -17.08
N LEU C 84 -20.41 6.12 -16.11
CA LEU C 84 -21.03 7.06 -15.18
C LEU C 84 -21.38 8.37 -15.88
N LYS C 85 -20.50 8.88 -16.73
CA LYS C 85 -20.81 10.10 -17.47
C LYS C 85 -22.02 9.90 -18.37
N ASP C 86 -22.14 8.73 -18.98
CA ASP C 86 -23.24 8.48 -19.91
C ASP C 86 -24.58 8.51 -19.20
N ILE C 87 -24.65 7.96 -17.98
CA ILE C 87 -25.91 7.91 -17.24
C ILE C 87 -26.15 9.17 -16.40
N GLY C 88 -25.26 10.14 -16.46
CA GLY C 88 -25.50 11.44 -15.85
C GLY C 88 -24.85 11.66 -14.51
N VAL C 89 -23.75 10.97 -14.20
CA VAL C 89 -23.03 11.15 -12.95
C VAL C 89 -21.69 11.81 -13.25
N HIS C 90 -21.44 12.95 -12.61
CA HIS C 90 -20.21 13.70 -12.80
C HIS C 90 -19.39 13.83 -11.53
N TRP C 91 -19.83 13.23 -10.43
CA TRP C 91 -19.10 13.23 -9.17
C TRP C 91 -18.74 11.80 -8.79
N VAL C 92 -17.57 11.62 -8.20
CA VAL C 92 -17.12 10.30 -7.77
C VAL C 92 -16.25 10.46 -6.53
N ILE C 93 -16.46 9.57 -5.56
CA ILE C 93 -15.59 9.46 -4.39
C ILE C 93 -14.50 8.46 -4.72
N LEU C 94 -13.25 8.85 -4.53
CA LEU C 94 -12.11 7.99 -4.83
C LEU C 94 -11.17 7.92 -3.64
N GLY C 95 -10.58 6.75 -3.44
CA GLY C 95 -9.59 6.58 -2.39
C GLY C 95 -10.14 6.52 -0.99
N HIS C 96 -11.42 6.21 -0.83
CA HIS C 96 -12.00 6.05 0.51
C HIS C 96 -11.18 5.05 1.31
N SER C 97 -11.08 5.29 2.62
CA SER C 97 -10.24 4.47 3.47
C SER C 97 -10.67 3.00 3.43
N GLU C 98 -11.97 2.75 3.32
CA GLU C 98 -12.44 1.37 3.26
C GLU C 98 -11.93 0.66 2.02
N ARG C 99 -11.83 1.38 0.89
CA ARG C 99 -11.30 0.76 -0.32
C ARG C 99 -9.78 0.61 -0.25
N ARG C 100 -9.08 1.60 0.31
CA ARG C 100 -7.64 1.46 0.50
C ARG C 100 -7.31 0.29 1.41
N THR C 101 -8.15 0.01 2.40
CA THR C 101 -7.84 -1.01 3.38
C THR C 101 -8.22 -2.41 2.88
N TYR C 102 -9.42 -2.56 2.34
CA TYR C 102 -9.97 -3.87 2.04
C TYR C 102 -10.03 -4.21 0.56
N TYR C 103 -9.81 -3.26 -0.33
CA TYR C 103 -9.98 -3.50 -1.75
C TYR C 103 -8.77 -3.04 -2.55
N GLY C 104 -7.60 -3.04 -1.92
CA GLY C 104 -6.33 -2.99 -2.63
C GLY C 104 -6.08 -1.74 -3.44
N GLU C 105 -6.63 -0.60 -3.03
CA GLU C 105 -6.37 0.65 -3.72
C GLU C 105 -5.19 1.33 -3.04
N THR C 106 -3.99 1.10 -3.58
CA THR C 106 -2.79 1.73 -3.07
C THR C 106 -2.83 3.23 -3.34
N ASP C 107 -1.82 3.94 -2.83
CA ASP C 107 -1.70 5.37 -3.15
C ASP C 107 -1.55 5.58 -4.66
N GLU C 108 -0.86 4.67 -5.34
CA GLU C 108 -0.71 4.79 -6.79
C GLU C 108 -2.03 4.55 -7.51
N ILE C 109 -2.80 3.56 -7.06
CA ILE C 109 -4.07 3.27 -7.71
C ILE C 109 -5.04 4.43 -7.52
N VAL C 110 -5.12 4.97 -6.30
CA VAL C 110 -5.99 6.12 -6.04
C VAL C 110 -5.54 7.31 -6.89
N ALA C 111 -4.23 7.48 -7.04
CA ALA C 111 -3.72 8.60 -7.83
C ALA C 111 -4.10 8.46 -9.30
N GLN C 112 -3.92 7.25 -9.86
N GLN C 112 -3.89 7.27 -9.87
CA GLN C 112 -4.26 7.01 -11.26
CA GLN C 112 -4.27 7.04 -11.26
C GLN C 112 -5.77 6.90 -11.50
C GLN C 112 -5.78 7.13 -11.45
N LYS C 113 -6.56 6.73 -10.44
CA LYS C 113 -8.01 6.83 -10.57
C LYS C 113 -8.47 8.28 -10.54
N VAL C 114 -7.80 9.11 -9.75
CA VAL C 114 -8.17 10.52 -9.64
C VAL C 114 -7.85 11.26 -10.94
N SER C 115 -6.66 11.01 -11.51
CA SER C 115 -6.27 11.78 -12.69
C SER C 115 -7.07 11.37 -13.92
N GLU C 116 -7.41 10.08 -14.04
CA GLU C 116 -8.30 9.68 -15.12
C GLU C 116 -9.68 10.31 -14.95
N ALA C 117 -10.12 10.46 -13.70
CA ALA C 117 -11.42 11.09 -13.44
C ALA C 117 -11.39 12.57 -13.81
N CYS C 118 -10.34 13.28 -13.42
CA CYS C 118 -10.21 14.68 -13.81
C CYS C 118 -10.06 14.84 -15.31
N LYS C 119 -9.39 13.88 -15.97
CA LYS C 119 -9.27 13.94 -17.42
C LYS C 119 -10.62 13.80 -18.11
N GLN C 120 -11.53 13.04 -17.52
CA GLN C 120 -12.86 12.81 -18.09
C GLN C 120 -13.91 13.77 -17.56
N GLY C 121 -13.50 14.87 -16.91
CA GLY C 121 -14.43 15.90 -16.51
C GLY C 121 -15.18 15.66 -15.22
N PHE C 122 -14.68 14.77 -14.36
CA PHE C 122 -15.36 14.46 -13.11
C PHE C 122 -14.99 15.45 -12.01
N MET C 123 -15.93 15.68 -11.11
N MET C 123 -15.91 15.65 -11.09
CA MET C 123 -15.63 16.29 -9.82
CA MET C 123 -15.62 16.30 -9.81
C MET C 123 -15.24 15.16 -8.87
C MET C 123 -15.28 15.21 -8.80
N VAL C 124 -14.07 15.26 -8.26
CA VAL C 124 -13.50 14.18 -7.45
C VAL C 124 -13.44 14.59 -6.00
N ILE C 125 -13.94 13.71 -5.13
CA ILE C 125 -13.67 13.77 -3.70
C ILE C 125 -12.63 12.69 -3.41
N ALA C 126 -11.38 13.11 -3.19
CA ALA C 126 -10.27 12.19 -2.95
C ALA C 126 -10.02 12.10 -1.46
N CYS C 127 -10.03 10.87 -0.94
CA CYS C 127 -10.01 10.62 0.50
C CYS C 127 -8.61 10.21 0.94
N ILE C 128 -8.07 10.91 1.92
CA ILE C 128 -6.81 10.54 2.55
C ILE C 128 -7.04 10.39 4.05
N GLY C 129 -6.21 9.58 4.68
CA GLY C 129 -6.34 9.33 6.10
C GLY C 129 -5.21 8.45 6.60
N GLU C 130 -4.98 8.52 7.91
CA GLU C 130 -3.93 7.78 8.58
C GLU C 130 -4.53 6.90 9.67
N THR C 131 -3.87 5.77 9.93
CA THR C 131 -4.36 4.79 10.89
C THR C 131 -3.97 5.19 12.31
N LEU C 132 -4.50 4.43 13.28
CA LEU C 132 -4.12 4.64 14.66
C LEU C 132 -2.63 4.33 14.86
N GLN C 133 -2.17 3.22 14.29
CA GLN C 133 -0.76 2.88 14.37
C GLN C 133 0.11 3.95 13.72
N GLN C 134 -0.38 4.61 12.68
N GLN C 134 -0.37 4.59 12.66
CA GLN C 134 0.42 5.63 12.01
CA GLN C 134 0.39 5.64 12.00
C GLN C 134 0.47 6.92 12.83
C GLN C 134 0.47 6.88 12.87
N ARG C 135 -0.67 7.34 13.41
CA ARG C 135 -0.65 8.51 14.27
C ARG C 135 0.15 8.25 15.54
N GLU C 136 -0.03 7.07 16.15
CA GLU C 136 0.73 6.73 17.34
C GLU C 136 2.23 6.73 17.06
N ALA C 137 2.62 6.45 15.82
CA ALA C 137 4.02 6.54 15.40
C ALA C 137 4.40 7.94 14.93
N ASN C 138 3.51 8.92 15.11
CA ASN C 138 3.76 10.33 14.75
C ASN C 138 3.91 10.51 13.24
N GLN C 139 3.06 9.83 12.46
CA GLN C 139 3.14 9.89 11.00
C GLN C 139 1.86 10.44 10.37
N THR C 140 1.11 11.27 11.11
CA THR C 140 -0.09 11.85 10.54
C THR C 140 0.23 12.69 9.31
N ALA C 141 1.15 13.64 9.45
CA ALA C 141 1.58 14.42 8.30
C ALA C 141 2.22 13.54 7.24
N LYS C 142 3.04 12.58 7.68
CA LYS C 142 3.75 11.73 6.72
C LYS C 142 2.78 10.96 5.83
N VAL C 143 1.69 10.46 6.41
CA VAL C 143 0.77 9.64 5.63
C VAL C 143 -0.10 10.50 4.72
N VAL C 144 -0.79 11.51 5.29
CA VAL C 144 -1.75 12.25 4.48
C VAL C 144 -1.05 13.05 3.39
N LEU C 145 0.15 13.60 3.68
CA LEU C 145 0.88 14.33 2.66
C LEU C 145 1.35 13.40 1.54
N SER C 146 1.90 12.24 1.91
CA SER C 146 2.32 11.27 0.89
C SER C 146 1.11 10.79 0.07
N GLN C 147 -0.03 10.60 0.72
CA GLN C 147 -1.25 10.25 -0.02
C GLN C 147 -1.68 11.37 -0.95
N THR C 148 -1.46 12.62 -0.55
CA THR C 148 -1.84 13.75 -1.40
C THR C 148 -0.79 14.03 -2.46
N SER C 149 0.50 13.91 -2.10
N SER C 149 0.50 13.91 -2.10
CA SER C 149 1.56 14.17 -3.07
CA SER C 149 1.56 14.16 -3.08
C SER C 149 1.57 13.11 -4.18
C SER C 149 1.52 13.12 -4.18
N ALA C 150 1.19 11.87 -3.86
CA ALA C 150 1.06 10.85 -4.90
C ALA C 150 -0.08 11.21 -5.85
N ILE C 151 -1.20 11.66 -5.31
CA ILE C 151 -2.31 12.12 -6.15
C ILE C 151 -1.89 13.35 -6.95
N ALA C 152 -1.12 14.25 -6.32
CA ALA C 152 -0.72 15.48 -6.99
C ALA C 152 0.20 15.21 -8.19
N ALA C 153 1.04 14.18 -8.10
CA ALA C 153 2.01 13.92 -9.16
C ALA C 153 1.34 13.57 -10.48
N LYS C 154 0.08 13.14 -10.46
CA LYS C 154 -0.64 12.78 -11.67
C LYS C 154 -1.66 13.84 -12.08
N LEU C 155 -1.65 15.01 -11.43
CA LEU C 155 -2.58 16.09 -11.73
C LEU C 155 -1.82 17.31 -12.21
N THR C 156 -2.44 18.05 -13.12
CA THR C 156 -1.97 19.36 -13.55
C THR C 156 -2.75 20.45 -12.82
N LYS C 157 -2.21 21.66 -12.84
CA LYS C 157 -2.73 22.75 -12.01
C LYS C 157 -4.22 22.97 -12.22
N ASP C 158 -4.69 22.90 -13.47
CA ASP C 158 -6.09 23.17 -13.75
C ASP C 158 -7.00 22.08 -13.19
N ALA C 159 -6.50 20.85 -13.09
CA ALA C 159 -7.33 19.76 -12.60
C ALA C 159 -7.70 19.90 -11.13
N TRP C 160 -6.94 20.70 -10.37
CA TRP C 160 -7.30 20.93 -8.97
C TRP C 160 -8.60 21.69 -8.81
N ASN C 161 -9.11 22.30 -9.87
CA ASN C 161 -10.44 22.90 -9.85
C ASN C 161 -11.53 21.85 -9.64
N GLN C 162 -11.25 20.60 -9.98
CA GLN C 162 -12.23 19.51 -9.87
C GLN C 162 -12.00 18.63 -8.65
N VAL C 163 -10.94 18.86 -7.89
CA VAL C 163 -10.55 17.96 -6.80
C VAL C 163 -11.00 18.53 -5.47
N VAL C 164 -11.53 17.67 -4.62
CA VAL C 164 -11.92 18.03 -3.26
C VAL C 164 -11.33 16.99 -2.33
N LEU C 165 -10.51 17.44 -1.37
CA LEU C 165 -9.94 16.51 -0.41
C LEU C 165 -10.94 16.19 0.69
N ALA C 166 -10.84 14.97 1.21
CA ALA C 166 -11.68 14.52 2.32
C ALA C 166 -10.78 13.78 3.30
N TYR C 167 -10.53 14.39 4.45
CA TYR C 167 -9.69 13.76 5.46
C TYR C 167 -10.53 12.80 6.31
N GLU C 168 -10.06 11.56 6.42
CA GLU C 168 -10.71 10.57 7.27
C GLU C 168 -9.85 10.31 8.48
N PRO C 169 -10.28 10.67 9.68
CA PRO C 169 -9.54 10.25 10.89
C PRO C 169 -9.69 8.77 11.12
N VAL C 170 -9.04 7.96 10.26
CA VAL C 170 -9.14 6.51 10.35
C VAL C 170 -8.72 6.03 11.73
N TRP C 171 -7.82 6.78 12.39
CA TRP C 171 -7.40 6.45 13.75
C TRP C 171 -8.53 6.58 14.76
N ALA C 172 -9.61 7.28 14.42
CA ALA C 172 -10.71 7.53 15.35
C ALA C 172 -12.03 7.00 14.82
N ILE C 173 -12.01 5.88 14.10
CA ILE C 173 -13.22 5.20 13.66
C ILE C 173 -13.05 3.72 13.97
N GLY C 174 -13.88 3.20 14.88
CA GLY C 174 -13.79 1.82 15.27
C GLY C 174 -12.56 1.47 16.09
N THR C 175 -12.09 2.39 16.94
CA THR C 175 -10.93 2.14 17.79
C THR C 175 -11.14 2.57 19.24
N GLY C 176 -12.26 3.19 19.57
CA GLY C 176 -12.42 3.77 20.90
C GLY C 176 -11.74 5.10 21.07
N LYS C 177 -11.20 5.68 20.00
CA LYS C 177 -10.59 7.00 20.02
C LYS C 177 -11.50 7.98 19.29
N VAL C 178 -11.42 9.25 19.69
CA VAL C 178 -12.25 10.30 19.10
C VAL C 178 -11.34 11.39 18.55
N ALA C 179 -11.75 11.96 17.42
CA ALA C 179 -11.07 13.12 16.86
C ALA C 179 -11.76 14.38 17.35
N THR C 180 -10.96 15.32 17.90
CA THR C 180 -11.50 16.60 18.32
C THR C 180 -11.48 17.59 17.17
N PRO C 181 -12.31 18.64 17.24
CA PRO C 181 -12.25 19.68 16.21
C PRO C 181 -10.91 20.39 16.16
N GLU C 182 -10.14 20.36 17.25
CA GLU C 182 -8.80 20.95 17.22
C GLU C 182 -7.84 20.06 16.44
N GLN C 183 -7.96 18.74 16.60
CA GLN C 183 -7.14 17.82 15.80
C GLN C 183 -7.64 17.76 14.37
N ALA C 184 -8.94 17.95 14.14
CA ALA C 184 -9.46 18.00 12.77
C ALA C 184 -8.92 19.22 12.04
N GLN C 185 -8.99 20.39 12.68
CA GLN C 185 -8.40 21.59 12.08
C GLN C 185 -6.90 21.42 11.90
N GLU C 186 -6.24 20.74 12.84
CA GLU C 186 -4.79 20.54 12.77
C GLU C 186 -4.38 19.90 11.45
N VAL C 187 -5.16 18.94 10.96
CA VAL C 187 -4.79 18.22 9.74
C VAL C 187 -5.18 19.02 8.51
N HIS C 188 -6.38 19.61 8.51
CA HIS C 188 -6.80 20.45 7.38
C HIS C 188 -5.79 21.57 7.16
N LEU C 189 -5.45 22.32 8.21
CA LEU C 189 -4.42 23.34 8.10
C LEU C 189 -3.13 22.76 7.54
N LEU C 190 -2.71 21.61 8.07
CA LEU C 190 -1.51 20.94 7.58
C LEU C 190 -1.64 20.57 6.11
N LEU C 191 -2.82 20.08 5.69
CA LEU C 191 -3.02 19.67 4.31
C LEU C 191 -2.99 20.87 3.37
N ARG C 192 -3.70 21.94 3.73
N ARG C 192 -3.70 21.94 3.73
CA ARG C 192 -3.69 23.15 2.91
CA ARG C 192 -3.68 23.14 2.90
C ARG C 192 -2.30 23.77 2.89
C ARG C 192 -2.31 23.80 2.90
N LYS C 193 -1.56 23.66 3.99
CA LYS C 193 -0.20 24.22 4.04
C LYS C 193 0.71 23.57 3.01
N TRP C 194 0.48 22.29 2.70
CA TRP C 194 1.29 21.60 1.69
C TRP C 194 0.87 22.01 0.28
N VAL C 195 -0.45 22.00 0.01
CA VAL C 195 -0.94 22.44 -1.30
C VAL C 195 -0.52 23.88 -1.56
N SER C 196 -0.49 24.70 -0.52
CA SER C 196 -0.04 26.09 -0.66
C SER C 196 1.36 26.17 -1.24
N GLU C 197 2.25 25.29 -0.77
CA GLU C 197 3.66 25.36 -1.11
C GLU C 197 4.10 24.37 -2.17
N ASN C 198 3.18 23.55 -2.69
CA ASN C 198 3.59 22.57 -3.69
C ASN C 198 2.75 22.68 -4.95
N ILE C 199 1.51 23.14 -4.81
CA ILE C 199 0.63 23.38 -5.94
C ILE C 199 0.46 24.87 -6.21
N GLY C 200 0.03 25.63 -5.21
CA GLY C 200 -0.07 27.07 -5.34
C GLY C 200 -0.91 27.74 -4.29
N THR C 201 -0.46 28.92 -3.83
CA THR C 201 -1.23 29.77 -2.93
C THR C 201 -2.67 29.90 -3.41
N ASP C 202 -2.82 30.09 -4.72
CA ASP C 202 -4.13 30.23 -5.34
C ASP C 202 -4.98 28.98 -5.13
N VAL C 203 -4.46 27.82 -5.52
CA VAL C 203 -5.26 26.59 -5.46
C VAL C 203 -5.57 26.23 -4.02
N ALA C 204 -4.65 26.50 -3.10
CA ALA C 204 -4.84 26.13 -1.70
C ALA C 204 -6.02 26.86 -1.09
N ALA C 205 -6.11 28.17 -1.33
CA ALA C 205 -7.18 28.97 -0.74
C ALA C 205 -8.54 28.55 -1.29
N LYS C 206 -8.60 28.13 -2.55
CA LYS C 206 -9.85 27.72 -3.17
C LYS C 206 -10.17 26.24 -2.99
N LEU C 207 -9.21 25.44 -2.51
CA LEU C 207 -9.42 24.01 -2.39
C LEU C 207 -10.38 23.70 -1.26
N ARG C 208 -11.32 22.78 -1.52
CA ARG C 208 -12.23 22.29 -0.49
C ARG C 208 -11.63 21.06 0.17
N ILE C 209 -11.59 21.07 1.50
CA ILE C 209 -11.08 19.96 2.30
C ILE C 209 -12.17 19.60 3.31
N LEU C 210 -12.89 18.51 3.04
CA LEU C 210 -13.99 18.10 3.89
C LEU C 210 -13.49 17.22 5.03
N TYR C 211 -14.21 17.26 6.15
CA TYR C 211 -13.90 16.41 7.29
C TYR C 211 -14.78 15.16 7.22
N GLY C 212 -14.14 13.98 7.20
CA GLY C 212 -14.88 12.74 7.05
C GLY C 212 -14.96 11.90 8.31
N GLY C 213 -14.84 12.52 9.47
CA GLY C 213 -14.95 11.84 10.74
C GLY C 213 -16.37 11.81 11.24
N SER C 214 -16.50 11.50 12.54
CA SER C 214 -17.81 11.53 13.18
C SER C 214 -18.39 12.93 13.13
N VAL C 215 -19.53 13.07 12.45
CA VAL C 215 -20.19 14.35 12.25
C VAL C 215 -21.67 14.16 12.52
N ASN C 216 -22.23 14.99 13.41
CA ASN C 216 -23.66 14.95 13.65
C ASN C 216 -24.13 16.38 13.93
N ALA C 217 -25.41 16.51 14.30
CA ALA C 217 -25.99 17.83 14.49
C ALA C 217 -25.33 18.59 15.62
N ALA C 218 -24.86 17.86 16.65
CA ALA C 218 -24.37 18.53 17.86
C ALA C 218 -23.01 19.19 17.62
N ASN C 219 -22.22 18.70 16.66
CA ASN C 219 -20.85 19.16 16.51
C ASN C 219 -20.52 19.73 15.14
N ALA C 220 -21.43 19.66 14.17
CA ALA C 220 -21.08 20.07 12.81
C ALA C 220 -20.73 21.55 12.74
N ALA C 221 -21.45 22.41 13.45
CA ALA C 221 -21.14 23.84 13.43
C ALA C 221 -19.82 24.13 14.12
N THR C 222 -19.51 23.39 15.19
CA THR C 222 -18.22 23.55 15.85
C THR C 222 -17.08 23.23 14.89
N LEU C 223 -17.26 22.19 14.06
CA LEU C 223 -16.23 21.79 13.11
C LEU C 223 -16.12 22.78 11.97
N TYR C 224 -17.26 23.18 11.37
CA TYR C 224 -17.21 24.12 10.26
C TYR C 224 -16.69 25.48 10.68
N ALA C 225 -16.80 25.83 11.96
CA ALA C 225 -16.22 27.10 12.43
C ALA C 225 -14.70 27.09 12.38
N LYS C 226 -14.08 25.93 12.23
CA LYS C 226 -12.63 25.87 12.11
C LYS C 226 -12.21 26.45 10.76
N PRO C 227 -11.19 27.31 10.73
CA PRO C 227 -10.92 28.09 9.51
C PRO C 227 -10.60 27.26 8.28
N ASP C 228 -10.19 26.00 8.44
CA ASP C 228 -9.77 25.19 7.30
C ASP C 228 -10.67 23.98 7.04
N ILE C 229 -11.83 23.90 7.69
CA ILE C 229 -12.80 22.85 7.43
C ILE C 229 -13.88 23.43 6.53
N ASN C 230 -14.06 22.82 5.35
CA ASN C 230 -14.94 23.35 4.32
C ASN C 230 -16.18 22.50 4.10
N GLY C 231 -16.52 21.63 5.04
CA GLY C 231 -17.67 20.78 4.91
C GLY C 231 -17.34 19.38 5.39
N PHE C 232 -18.22 18.43 5.06
CA PHE C 232 -18.13 17.11 5.64
C PHE C 232 -18.46 16.03 4.60
N LEU C 233 -17.77 14.90 4.72
CA LEU C 233 -18.18 13.65 4.06
C LEU C 233 -18.80 12.78 5.15
N VAL C 234 -20.12 12.86 5.27
CA VAL C 234 -20.83 12.27 6.40
C VAL C 234 -21.16 10.82 6.12
N GLY C 235 -20.99 9.96 7.12
CA GLY C 235 -21.35 8.56 6.96
C GLY C 235 -22.67 8.17 7.59
N GLY C 236 -22.62 7.77 8.87
CA GLY C 236 -23.81 7.28 9.55
C GLY C 236 -24.91 8.32 9.64
N ALA C 237 -24.55 9.56 9.98
CA ALA C 237 -25.53 10.64 10.10
C ALA C 237 -26.01 11.18 8.76
N SER C 238 -25.65 10.53 7.65
CA SER C 238 -26.13 10.92 6.34
C SER C 238 -27.26 10.05 5.83
N LEU C 239 -27.49 8.89 6.45
CA LEU C 239 -28.67 8.07 6.18
C LEU C 239 -29.86 8.49 7.01
N LYS C 240 -29.78 9.61 7.72
N LYS C 240 -29.77 9.60 7.72
CA LYS C 240 -30.83 10.08 8.60
CA LYS C 240 -30.81 10.09 8.61
C LYS C 240 -31.24 11.50 8.23
C LYS C 240 -31.25 11.48 8.18
N PRO C 241 -32.49 11.88 8.52
CA PRO C 241 -32.90 13.28 8.29
C PRO C 241 -32.07 14.29 9.06
N GLU C 242 -31.24 13.85 10.01
CA GLU C 242 -30.26 14.71 10.66
C GLU C 242 -29.27 15.31 9.67
N PHE C 243 -29.21 14.78 8.45
CA PHE C 243 -28.33 15.36 7.44
C PHE C 243 -28.71 16.81 7.14
N ARG C 244 -30.00 17.15 7.25
CA ARG C 244 -30.41 18.54 7.12
C ARG C 244 -29.75 19.41 8.17
N ASP C 245 -29.64 18.90 9.41
CA ASP C 245 -28.95 19.64 10.46
C ASP C 245 -27.50 19.91 10.07
N ILE C 246 -26.84 18.91 9.47
CA ILE C 246 -25.43 19.06 9.12
C ILE C 246 -25.26 20.05 7.98
N ILE C 247 -26.19 20.04 7.02
CA ILE C 247 -26.17 21.04 5.95
C ILE C 247 -26.31 22.44 6.51
N ASP C 248 -27.22 22.61 7.48
CA ASP C 248 -27.47 23.93 8.04
C ASP C 248 -26.28 24.44 8.85
N ALA C 249 -25.38 23.56 9.25
CA ALA C 249 -24.18 23.97 9.96
C ALA C 249 -23.10 24.54 9.05
N THR C 250 -23.25 24.40 7.73
CA THR C 250 -22.30 24.97 6.78
C THR C 250 -22.62 26.42 6.43
N ARG C 251 -23.47 27.08 7.23
CA ARG C 251 -23.83 28.46 6.98
C ARG C 251 -22.84 29.41 7.64
N ALA D 3 -31.14 -36.33 -21.60
CA ALA D 3 -31.12 -36.47 -20.15
C ALA D 3 -30.50 -35.25 -19.49
N LYS D 4 -30.18 -34.24 -20.32
CA LYS D 4 -29.53 -33.03 -19.84
C LYS D 4 -30.53 -32.12 -19.13
N PRO D 5 -30.07 -31.34 -18.17
CA PRO D 5 -30.95 -30.40 -17.46
C PRO D 5 -31.27 -29.19 -18.33
N GLN D 6 -32.05 -28.28 -17.76
CA GLN D 6 -32.44 -27.05 -18.45
C GLN D 6 -31.22 -26.23 -18.82
N PRO D 7 -31.02 -25.90 -20.10
CA PRO D 7 -29.85 -25.10 -20.48
C PRO D 7 -29.97 -23.66 -20.02
N ILE D 8 -28.81 -23.01 -19.90
CA ILE D 8 -28.72 -21.61 -19.52
C ILE D 8 -27.90 -20.86 -20.59
N ALA D 9 -28.37 -19.69 -20.96
CA ALA D 9 -27.63 -18.80 -21.86
C ALA D 9 -27.46 -17.45 -21.13
N ALA D 10 -26.30 -17.25 -20.53
CA ALA D 10 -26.04 -16.07 -19.72
C ALA D 10 -25.24 -15.05 -20.51
N ALA D 11 -25.70 -13.80 -20.51
CA ALA D 11 -25.05 -12.70 -21.22
C ALA D 11 -24.17 -11.93 -20.23
N ALA D 12 -22.86 -12.07 -20.36
CA ALA D 12 -21.90 -11.40 -19.49
C ALA D 12 -21.44 -10.12 -20.19
N TRP D 13 -22.18 -9.03 -19.96
CA TRP D 13 -21.83 -7.75 -20.55
C TRP D 13 -20.57 -7.14 -19.93
N LYS D 14 -20.23 -7.53 -18.71
CA LYS D 14 -19.03 -7.07 -18.00
C LYS D 14 -19.14 -5.54 -17.85
N CYS D 15 -18.04 -4.81 -17.98
CA CYS D 15 -18.07 -3.36 -17.75
C CYS D 15 -18.21 -2.63 -19.09
N ASN D 16 -19.41 -2.73 -19.64
CA ASN D 16 -19.69 -2.18 -20.97
C ASN D 16 -21.12 -1.69 -21.05
N GLY D 17 -21.36 -0.72 -21.93
CA GLY D 17 -22.71 -0.31 -22.26
C GLY D 17 -23.01 1.15 -22.01
N THR D 18 -23.86 1.73 -22.86
CA THR D 18 -24.50 3.01 -22.63
C THR D 18 -25.99 2.80 -22.47
N THR D 19 -26.70 3.82 -22.01
CA THR D 19 -28.14 3.74 -21.96
C THR D 19 -28.72 3.49 -23.35
N ALA D 20 -28.15 4.13 -24.37
CA ALA D 20 -28.61 3.93 -25.73
C ALA D 20 -28.37 2.48 -26.18
N SER D 21 -27.14 1.99 -26.02
CA SER D 21 -26.79 0.68 -26.56
C SER D 21 -27.55 -0.44 -25.85
N ILE D 22 -27.81 -0.29 -24.55
CA ILE D 22 -28.55 -1.30 -23.82
C ILE D 22 -30.00 -1.32 -24.27
N GLU D 23 -30.64 -0.14 -24.33
CA GLU D 23 -32.00 -0.05 -24.82
C GLU D 23 -32.13 -0.66 -26.21
N LYS D 24 -31.20 -0.33 -27.11
CA LYS D 24 -31.23 -0.89 -28.45
C LYS D 24 -31.05 -2.41 -28.42
N LEU D 25 -30.16 -2.90 -27.57
CA LEU D 25 -29.90 -4.34 -27.51
C LEU D 25 -31.01 -5.10 -26.80
N VAL D 26 -31.54 -4.55 -25.70
CA VAL D 26 -32.65 -5.19 -25.00
C VAL D 26 -33.84 -5.35 -25.94
N GLN D 27 -34.10 -4.34 -26.77
CA GLN D 27 -35.18 -4.44 -27.75
C GLN D 27 -34.99 -5.66 -28.65
N VAL D 28 -33.78 -5.83 -29.18
CA VAL D 28 -33.47 -7.01 -29.99
C VAL D 28 -33.75 -8.28 -29.19
N PHE D 29 -33.38 -8.29 -27.91
CA PHE D 29 -33.65 -9.46 -27.07
C PHE D 29 -35.13 -9.69 -26.93
N ASN D 30 -35.92 -8.62 -26.77
CA ASN D 30 -37.36 -8.77 -26.59
C ASN D 30 -38.04 -9.28 -27.86
N GLU D 31 -37.58 -8.84 -29.03
N GLU D 31 -37.59 -8.82 -29.02
CA GLU D 31 -38.20 -9.27 -30.28
CA GLU D 31 -38.19 -9.26 -30.27
C GLU D 31 -37.91 -10.73 -30.59
C GLU D 31 -37.94 -10.74 -30.52
N HIS D 32 -36.80 -11.25 -30.09
CA HIS D 32 -36.43 -12.65 -30.32
C HIS D 32 -37.39 -13.55 -29.54
N THR D 33 -38.18 -14.33 -30.26
CA THR D 33 -39.14 -15.24 -29.62
C THR D 33 -38.50 -16.61 -29.46
N ILE D 34 -38.27 -17.01 -28.21
CA ILE D 34 -37.66 -18.29 -27.86
C ILE D 34 -38.76 -19.27 -27.48
N SER D 35 -38.73 -20.47 -28.07
CA SER D 35 -39.80 -21.45 -27.87
C SER D 35 -39.35 -22.76 -27.24
N HIS D 36 -38.07 -22.98 -27.02
CA HIS D 36 -37.62 -24.15 -26.27
C HIS D 36 -37.30 -23.74 -24.84
N ASP D 37 -37.12 -24.75 -23.99
CA ASP D 37 -36.93 -24.51 -22.56
C ASP D 37 -35.48 -24.10 -22.32
N VAL D 38 -35.28 -22.85 -21.92
CA VAL D 38 -33.95 -22.29 -21.70
C VAL D 38 -34.09 -21.12 -20.73
N GLN D 39 -33.09 -20.98 -19.86
CA GLN D 39 -33.04 -19.88 -18.90
C GLN D 39 -31.99 -18.89 -19.36
N CYS D 40 -32.43 -17.81 -20.00
CA CYS D 40 -31.53 -16.75 -20.44
C CYS D 40 -31.26 -15.78 -19.30
N VAL D 41 -30.08 -15.17 -19.34
CA VAL D 41 -29.61 -14.30 -18.26
C VAL D 41 -28.89 -13.11 -18.86
N VAL D 42 -29.12 -11.93 -18.29
N VAL D 42 -29.10 -11.93 -18.28
CA VAL D 42 -28.38 -10.72 -18.65
CA VAL D 42 -28.39 -10.71 -18.64
C VAL D 42 -27.66 -10.25 -17.39
C VAL D 42 -27.69 -10.19 -17.40
N ALA D 43 -26.37 -9.96 -17.52
CA ALA D 43 -25.53 -9.54 -16.39
C ALA D 43 -24.93 -8.17 -16.68
N PRO D 44 -25.70 -7.10 -16.45
CA PRO D 44 -25.17 -5.75 -16.71
C PRO D 44 -24.41 -5.19 -15.51
N THR D 45 -23.81 -4.01 -15.67
CA THR D 45 -23.21 -3.35 -14.53
C THR D 45 -24.28 -2.95 -13.52
N PHE D 46 -23.85 -2.69 -12.28
CA PHE D 46 -24.78 -2.39 -11.20
C PHE D 46 -25.68 -1.21 -11.56
N VAL D 47 -25.12 -0.15 -12.15
CA VAL D 47 -25.91 1.04 -12.46
C VAL D 47 -26.90 0.78 -13.58
N HIS D 48 -26.64 -0.21 -14.44
CA HIS D 48 -27.52 -0.50 -15.56
C HIS D 48 -28.62 -1.50 -15.22
N ILE D 49 -28.64 -2.00 -13.99
CA ILE D 49 -29.65 -2.98 -13.58
C ILE D 49 -31.04 -2.36 -13.58
N PRO D 50 -31.26 -1.16 -13.02
CA PRO D 50 -32.61 -0.57 -13.11
C PRO D 50 -33.09 -0.37 -14.55
N LEU D 51 -32.19 0.02 -15.46
CA LEU D 51 -32.58 0.20 -16.86
C LEU D 51 -33.04 -1.13 -17.46
N VAL D 52 -32.23 -2.18 -17.32
CA VAL D 52 -32.61 -3.49 -17.85
C VAL D 52 -33.87 -4.01 -17.17
N GLN D 53 -34.00 -3.78 -15.86
CA GLN D 53 -35.22 -4.17 -15.15
C GLN D 53 -36.44 -3.51 -15.74
N ALA D 54 -36.32 -2.24 -16.14
CA ALA D 54 -37.45 -1.50 -16.69
C ALA D 54 -37.65 -1.71 -18.18
N LYS D 55 -36.79 -2.50 -18.84
CA LYS D 55 -36.87 -2.62 -20.29
C LYS D 55 -36.91 -4.07 -20.76
N LEU D 56 -36.29 -4.99 -20.02
CA LEU D 56 -36.21 -6.38 -20.45
C LEU D 56 -37.51 -7.09 -20.12
N ARG D 57 -38.15 -7.66 -21.15
CA ARG D 57 -39.47 -8.26 -20.98
C ARG D 57 -39.61 -9.63 -21.60
N ASN D 58 -38.56 -10.21 -22.15
CA ASN D 58 -38.62 -11.58 -22.66
C ASN D 58 -38.80 -12.53 -21.49
N PRO D 59 -39.84 -13.36 -21.46
CA PRO D 59 -40.11 -14.19 -20.27
C PRO D 59 -39.07 -15.28 -20.02
N LYS D 60 -38.20 -15.58 -20.97
CA LYS D 60 -37.15 -16.57 -20.73
C LYS D 60 -35.94 -15.98 -20.01
N TYR D 61 -35.97 -14.69 -19.68
CA TYR D 61 -34.80 -13.99 -19.18
C TYR D 61 -34.92 -13.68 -17.70
N VAL D 62 -33.78 -13.75 -17.00
CA VAL D 62 -33.62 -13.15 -15.69
C VAL D 62 -32.44 -12.19 -15.77
N ILE D 63 -32.30 -11.34 -14.76
CA ILE D 63 -31.21 -10.37 -14.68
C ILE D 63 -30.32 -10.76 -13.51
N SER D 64 -29.02 -10.74 -13.74
CA SER D 64 -28.03 -11.17 -12.77
C SER D 64 -27.03 -10.07 -12.52
N ALA D 65 -26.64 -9.90 -11.26
CA ALA D 65 -25.50 -9.06 -10.95
C ALA D 65 -24.21 -9.76 -11.37
N GLN D 66 -23.13 -8.99 -11.48
CA GLN D 66 -21.82 -9.54 -11.83
C GLN D 66 -20.96 -9.84 -10.61
N ASN D 67 -21.37 -9.41 -9.43
CA ASN D 67 -20.64 -9.55 -8.19
C ASN D 67 -21.52 -9.04 -7.06
N ALA D 68 -21.17 -9.40 -5.83
CA ALA D 68 -21.87 -8.91 -4.66
C ALA D 68 -21.04 -9.26 -3.43
N ILE D 69 -21.32 -8.58 -2.34
CA ILE D 69 -20.78 -8.94 -1.04
C ILE D 69 -21.93 -9.41 -0.15
N ALA D 70 -21.57 -10.13 0.91
CA ALA D 70 -22.57 -10.88 1.67
C ALA D 70 -23.49 -9.95 2.47
N LYS D 71 -22.95 -8.87 3.03
CA LYS D 71 -23.71 -8.07 3.97
C LYS D 71 -23.50 -6.59 3.74
N SER D 72 -24.55 -5.80 3.97
CA SER D 72 -24.49 -4.35 3.87
C SER D 72 -23.73 -3.78 5.06
N GLY D 73 -23.23 -2.57 4.89
CA GLY D 73 -22.50 -1.91 5.95
C GLY D 73 -21.43 -0.98 5.38
N ALA D 74 -20.35 -0.84 6.14
CA ALA D 74 -19.27 0.08 5.80
C ALA D 74 -18.38 -0.56 4.75
N PHE D 75 -18.87 -0.53 3.50
CA PHE D 75 -18.15 -1.13 2.36
C PHE D 75 -18.35 -0.19 1.18
N THR D 76 -17.63 0.94 1.21
CA THR D 76 -17.81 1.97 0.19
C THR D 76 -17.46 1.42 -1.18
N GLY D 77 -18.38 1.56 -2.14
CA GLY D 77 -18.16 1.16 -3.50
C GLY D 77 -18.76 -0.18 -3.88
N GLU D 78 -19.17 -0.98 -2.90
CA GLU D 78 -19.66 -2.32 -3.16
C GLU D 78 -21.19 -2.37 -3.07
N VAL D 79 -21.76 -3.46 -3.59
CA VAL D 79 -23.19 -3.71 -3.54
C VAL D 79 -23.40 -5.02 -2.77
N SER D 80 -24.27 -4.99 -1.77
CA SER D 80 -24.50 -6.15 -0.93
C SER D 80 -25.58 -7.06 -1.52
N MET D 81 -25.72 -8.22 -0.92
CA MET D 81 -26.73 -9.19 -1.35
C MET D 81 -28.13 -8.84 -0.83
N PRO D 82 -28.29 -8.32 0.38
CA PRO D 82 -29.63 -7.82 0.76
C PRO D 82 -30.10 -6.64 -0.07
N ILE D 83 -29.18 -5.82 -0.57
CA ILE D 83 -29.56 -4.68 -1.41
C ILE D 83 -30.06 -5.16 -2.77
N LEU D 84 -29.41 -6.17 -3.35
CA LEU D 84 -29.85 -6.70 -4.63
C LEU D 84 -31.22 -7.37 -4.50
N LYS D 85 -31.42 -8.15 -3.44
CA LYS D 85 -32.71 -8.80 -3.23
C LYS D 85 -33.82 -7.76 -3.06
N ASP D 86 -33.53 -6.66 -2.35
CA ASP D 86 -34.55 -5.65 -2.12
C ASP D 86 -34.98 -4.98 -3.44
N ILE D 87 -34.04 -4.78 -4.36
CA ILE D 87 -34.35 -4.15 -5.64
C ILE D 87 -34.81 -5.15 -6.69
N GLY D 88 -34.81 -6.43 -6.38
CA GLY D 88 -35.44 -7.42 -7.24
C GLY D 88 -34.50 -8.29 -8.06
N VAL D 89 -33.22 -8.36 -7.72
CA VAL D 89 -32.25 -9.19 -8.43
C VAL D 89 -32.04 -10.46 -7.62
N HIS D 90 -32.29 -11.60 -8.26
CA HIS D 90 -32.21 -12.90 -7.60
C HIS D 90 -31.08 -13.78 -8.14
N TRP D 91 -30.31 -13.29 -9.11
CA TRP D 91 -29.18 -14.03 -9.66
C TRP D 91 -27.91 -13.21 -9.44
N VAL D 92 -26.79 -13.91 -9.36
CA VAL D 92 -25.50 -13.25 -9.13
C VAL D 92 -24.40 -14.16 -9.66
N ILE D 93 -23.40 -13.55 -10.29
CA ILE D 93 -22.21 -14.25 -10.74
C ILE D 93 -21.10 -14.00 -9.73
N LEU D 94 -20.41 -15.07 -9.32
CA LEU D 94 -19.44 -14.98 -8.24
C LEU D 94 -18.15 -15.68 -8.63
N GLY D 95 -17.04 -15.05 -8.29
CA GLY D 95 -15.73 -15.64 -8.53
C GLY D 95 -15.30 -15.68 -9.97
N HIS D 96 -15.72 -14.70 -10.78
CA HIS D 96 -15.28 -14.64 -12.16
C HIS D 96 -13.75 -14.52 -12.21
N SER D 97 -13.18 -14.92 -13.35
CA SER D 97 -11.72 -14.95 -13.46
C SER D 97 -11.13 -13.56 -13.35
N GLU D 98 -11.85 -12.52 -13.79
CA GLU D 98 -11.30 -11.17 -13.73
C GLU D 98 -11.28 -10.62 -12.31
N ARG D 99 -12.24 -11.03 -11.47
CA ARG D 99 -12.23 -10.57 -10.08
C ARG D 99 -11.18 -11.32 -9.26
N ARG D 100 -11.03 -12.63 -9.50
CA ARG D 100 -9.97 -13.38 -8.83
C ARG D 100 -8.60 -12.83 -9.18
N THR D 101 -8.41 -12.43 -10.45
CA THR D 101 -7.09 -12.02 -10.94
C THR D 101 -6.82 -10.55 -10.65
N TYR D 102 -7.71 -9.66 -11.10
CA TYR D 102 -7.46 -8.23 -10.95
C TYR D 102 -7.68 -7.77 -9.52
N TYR D 103 -8.67 -8.34 -8.83
CA TYR D 103 -9.13 -7.80 -7.55
C TYR D 103 -8.90 -8.74 -6.38
N GLY D 104 -8.14 -9.82 -6.58
CA GLY D 104 -7.64 -10.61 -5.46
C GLY D 104 -8.64 -11.48 -4.75
N GLU D 105 -9.78 -11.77 -5.37
CA GLU D 105 -10.78 -12.63 -4.74
C GLU D 105 -10.26 -14.06 -4.69
N THR D 106 -10.18 -14.63 -3.48
CA THR D 106 -9.60 -15.94 -3.27
C THR D 106 -10.69 -17.01 -3.24
N ASP D 107 -10.27 -18.27 -3.13
CA ASP D 107 -11.22 -19.36 -2.95
C ASP D 107 -12.05 -19.16 -1.70
N GLU D 108 -11.43 -18.68 -0.62
CA GLU D 108 -12.15 -18.49 0.64
C GLU D 108 -13.21 -17.39 0.50
N ILE D 109 -12.88 -16.29 -0.19
N ILE D 109 -12.87 -16.30 -0.18
CA ILE D 109 -13.83 -15.20 -0.31
CA ILE D 109 -13.80 -15.18 -0.33
C ILE D 109 -14.95 -15.56 -1.28
C ILE D 109 -14.94 -15.56 -1.28
N VAL D 110 -14.61 -16.24 -2.39
CA VAL D 110 -15.63 -16.64 -3.34
C VAL D 110 -16.56 -17.68 -2.74
N ALA D 111 -15.99 -18.70 -2.07
CA ALA D 111 -16.80 -19.71 -1.43
C ALA D 111 -17.71 -19.10 -0.37
N GLN D 112 -17.21 -18.11 0.37
CA GLN D 112 -18.05 -17.40 1.33
C GLN D 112 -19.15 -16.62 0.62
N LYS D 113 -18.85 -16.06 -0.56
CA LYS D 113 -19.86 -15.34 -1.31
C LYS D 113 -20.92 -16.28 -1.85
N VAL D 114 -20.51 -17.46 -2.33
CA VAL D 114 -21.47 -18.44 -2.82
C VAL D 114 -22.35 -18.94 -1.68
N SER D 115 -21.73 -19.26 -0.55
CA SER D 115 -22.49 -19.77 0.59
C SER D 115 -23.55 -18.77 1.04
N GLU D 116 -23.17 -17.51 1.21
CA GLU D 116 -24.13 -16.51 1.68
C GLU D 116 -25.20 -16.22 0.63
N ALA D 117 -24.84 -16.27 -0.65
CA ALA D 117 -25.82 -16.03 -1.71
C ALA D 117 -26.89 -17.10 -1.71
N CYS D 118 -26.47 -18.38 -1.64
CA CYS D 118 -27.44 -19.47 -1.58
C CYS D 118 -28.29 -19.37 -0.33
N LYS D 119 -27.67 -19.03 0.81
CA LYS D 119 -28.42 -18.87 2.05
C LYS D 119 -29.39 -17.70 1.99
N GLN D 120 -29.18 -16.74 1.10
CA GLN D 120 -30.08 -15.60 0.93
C GLN D 120 -31.04 -15.76 -0.22
N GLY D 121 -31.12 -16.96 -0.82
CA GLY D 121 -32.08 -17.25 -1.85
C GLY D 121 -31.63 -16.99 -3.28
N PHE D 122 -30.38 -16.59 -3.47
CA PHE D 122 -29.87 -16.30 -4.81
C PHE D 122 -29.60 -17.58 -5.60
N MET D 123 -29.82 -17.51 -6.91
N MET D 123 -29.82 -17.50 -6.91
CA MET D 123 -29.27 -18.48 -7.83
CA MET D 123 -29.27 -18.49 -7.83
C MET D 123 -27.88 -18.02 -8.22
C MET D 123 -27.88 -18.03 -8.24
N VAL D 124 -26.90 -18.91 -8.09
CA VAL D 124 -25.49 -18.54 -8.22
C VAL D 124 -24.90 -19.18 -9.47
N ILE D 125 -24.20 -18.37 -10.26
CA ILE D 125 -23.30 -18.83 -11.31
C ILE D 125 -21.90 -18.63 -10.77
N ALA D 126 -21.29 -19.71 -10.28
CA ALA D 126 -19.95 -19.67 -9.69
C ALA D 126 -18.94 -20.12 -10.73
N CYS D 127 -17.89 -19.32 -10.91
CA CYS D 127 -16.91 -19.54 -11.96
C CYS D 127 -15.61 -20.10 -11.39
N ILE D 128 -15.11 -21.14 -12.03
CA ILE D 128 -13.80 -21.70 -11.75
C ILE D 128 -13.05 -21.79 -13.07
N GLY D 129 -11.74 -21.98 -12.98
CA GLY D 129 -10.91 -22.06 -14.16
C GLY D 129 -9.44 -22.06 -13.79
N GLU D 130 -8.64 -22.52 -14.75
CA GLU D 130 -7.21 -22.68 -14.55
C GLU D 130 -6.42 -21.81 -15.51
N THR D 131 -5.26 -21.35 -15.04
CA THR D 131 -4.38 -20.51 -15.85
C THR D 131 -3.63 -21.35 -16.87
N LEU D 132 -2.93 -20.66 -17.78
CA LEU D 132 -2.07 -21.37 -18.73
C LEU D 132 -0.93 -22.05 -18.00
N GLN D 133 -0.35 -21.38 -17.00
N GLN D 133 -0.34 -21.38 -17.01
CA GLN D 133 0.72 -21.98 -16.21
CA GLN D 133 0.72 -22.00 -16.22
C GLN D 133 0.25 -23.25 -15.50
C GLN D 133 0.22 -23.29 -15.57
N GLN D 134 -1.02 -23.28 -15.07
CA GLN D 134 -1.55 -24.46 -14.41
C GLN D 134 -1.83 -25.59 -15.41
N ARG D 135 -2.37 -25.27 -16.58
CA ARG D 135 -2.63 -26.32 -17.56
C ARG D 135 -1.33 -26.91 -18.09
N GLU D 136 -0.35 -26.07 -18.41
N GLU D 136 -0.35 -26.07 -18.42
CA GLU D 136 0.91 -26.57 -18.95
CA GLU D 136 0.91 -26.57 -18.94
C GLU D 136 1.71 -27.34 -17.91
C GLU D 136 1.67 -27.39 -17.91
N ALA D 137 1.47 -27.11 -16.63
CA ALA D 137 2.02 -27.93 -15.56
C ALA D 137 1.15 -29.15 -15.29
N ASN D 138 0.19 -29.42 -16.17
CA ASN D 138 -0.77 -30.52 -16.03
C ASN D 138 -1.46 -30.49 -14.67
N GLN D 139 -2.03 -29.32 -14.34
CA GLN D 139 -2.77 -29.13 -13.11
C GLN D 139 -4.22 -28.70 -13.37
N THR D 140 -4.77 -29.09 -14.52
CA THR D 140 -6.13 -28.68 -14.86
C THR D 140 -7.13 -29.21 -13.84
N ALA D 141 -7.14 -30.53 -13.61
CA ALA D 141 -8.01 -31.10 -12.60
C ALA D 141 -7.61 -30.65 -11.21
N LYS D 142 -6.33 -30.36 -11.01
CA LYS D 142 -5.85 -29.93 -9.70
C LYS D 142 -6.56 -28.66 -9.24
N VAL D 143 -6.70 -27.68 -10.13
CA VAL D 143 -7.20 -26.37 -9.73
C VAL D 143 -8.72 -26.34 -9.72
N VAL D 144 -9.36 -26.77 -10.81
CA VAL D 144 -10.81 -26.61 -10.93
C VAL D 144 -11.54 -27.38 -9.83
N LEU D 145 -10.99 -28.52 -9.41
CA LEU D 145 -11.63 -29.29 -8.33
C LEU D 145 -11.35 -28.67 -6.97
N SER D 146 -10.12 -28.14 -6.78
CA SER D 146 -9.82 -27.42 -5.55
C SER D 146 -10.68 -26.17 -5.43
N GLN D 147 -10.92 -25.48 -6.55
CA GLN D 147 -11.80 -24.33 -6.54
C GLN D 147 -13.24 -24.74 -6.27
N THR D 148 -13.66 -25.90 -6.79
CA THR D 148 -15.01 -26.38 -6.58
C THR D 148 -15.20 -26.95 -5.18
N SER D 149 -14.19 -27.64 -4.66
N SER D 149 -14.18 -27.64 -4.67
CA SER D 149 -14.30 -28.23 -3.32
CA SER D 149 -14.27 -28.22 -3.33
C SER D 149 -14.32 -27.16 -2.24
C SER D 149 -14.33 -27.15 -2.26
N ALA D 150 -13.58 -26.06 -2.45
CA ALA D 150 -13.63 -24.96 -1.49
C ALA D 150 -15.03 -24.34 -1.46
N ILE D 151 -15.68 -24.26 -2.62
CA ILE D 151 -17.07 -23.78 -2.66
C ILE D 151 -17.99 -24.78 -1.98
N ALA D 152 -17.86 -26.06 -2.33
CA ALA D 152 -18.75 -27.08 -1.79
C ALA D 152 -18.60 -27.26 -0.28
N ALA D 153 -17.45 -26.89 0.28
CA ALA D 153 -17.23 -27.08 1.72
C ALA D 153 -18.10 -26.17 2.56
N LYS D 154 -18.62 -25.08 1.99
CA LYS D 154 -19.47 -24.15 2.72
C LYS D 154 -20.94 -24.28 2.32
N LEU D 155 -21.32 -25.37 1.68
CA LEU D 155 -22.69 -25.58 1.22
C LEU D 155 -23.23 -26.91 1.73
N THR D 156 -24.52 -26.93 2.03
CA THR D 156 -25.21 -28.19 2.24
C THR D 156 -25.82 -28.67 0.93
N LYS D 157 -26.35 -29.89 0.94
CA LYS D 157 -26.80 -30.52 -0.29
C LYS D 157 -27.96 -29.76 -0.94
N ASP D 158 -28.83 -29.16 -0.13
CA ASP D 158 -29.99 -28.46 -0.69
C ASP D 158 -29.58 -27.21 -1.45
N ALA D 159 -28.54 -26.52 -1.00
CA ALA D 159 -28.11 -25.29 -1.66
C ALA D 159 -27.64 -25.53 -3.09
N TRP D 160 -27.33 -26.78 -3.46
CA TRP D 160 -26.84 -27.05 -4.81
C TRP D 160 -27.92 -26.86 -5.87
N ASN D 161 -29.21 -26.90 -5.48
CA ASN D 161 -30.27 -26.60 -6.43
C ASN D 161 -30.24 -25.15 -6.89
N GLN D 162 -29.55 -24.28 -6.16
CA GLN D 162 -29.34 -22.90 -6.55
C GLN D 162 -27.99 -22.69 -7.23
N VAL D 163 -27.20 -23.75 -7.40
CA VAL D 163 -25.81 -23.64 -7.84
C VAL D 163 -25.73 -23.95 -9.34
N VAL D 164 -25.01 -23.10 -10.06
CA VAL D 164 -24.65 -23.34 -11.45
C VAL D 164 -23.16 -23.02 -11.60
N LEU D 165 -22.41 -23.95 -12.16
CA LEU D 165 -20.97 -23.76 -12.34
C LEU D 165 -20.67 -23.28 -13.74
N ALA D 166 -19.60 -22.49 -13.87
CA ALA D 166 -19.18 -21.92 -15.15
C ALA D 166 -17.67 -22.09 -15.28
N TYR D 167 -17.25 -22.96 -16.19
CA TYR D 167 -15.82 -23.19 -16.42
C TYR D 167 -15.27 -22.10 -17.34
N GLU D 168 -14.26 -21.38 -16.87
CA GLU D 168 -13.56 -20.40 -17.69
C GLU D 168 -12.22 -20.96 -18.13
N PRO D 169 -12.00 -21.17 -19.42
CA PRO D 169 -10.66 -21.59 -19.88
C PRO D 169 -9.68 -20.41 -19.87
N VAL D 170 -9.33 -19.97 -18.67
CA VAL D 170 -8.44 -18.82 -18.49
C VAL D 170 -7.15 -19.02 -19.27
N TRP D 171 -6.72 -20.27 -19.44
CA TRP D 171 -5.52 -20.57 -20.20
C TRP D 171 -5.67 -20.22 -21.68
N ALA D 172 -6.89 -20.02 -22.16
CA ALA D 172 -7.15 -19.65 -23.55
C ALA D 172 -7.62 -18.21 -23.69
N ILE D 173 -7.61 -17.43 -22.60
CA ILE D 173 -8.12 -16.07 -22.60
C ILE D 173 -6.92 -15.13 -22.72
N GLY D 174 -6.76 -14.54 -23.91
CA GLY D 174 -5.75 -13.50 -24.11
C GLY D 174 -4.32 -14.02 -24.04
N THR D 175 -4.16 -15.33 -24.10
CA THR D 175 -2.84 -15.95 -24.06
C THR D 175 -2.34 -16.37 -25.44
N GLY D 176 -3.14 -16.16 -26.48
CA GLY D 176 -2.80 -16.65 -27.80
C GLY D 176 -3.24 -18.07 -28.08
N LYS D 177 -3.64 -18.81 -27.05
CA LYS D 177 -4.08 -20.20 -27.20
C LYS D 177 -5.59 -20.26 -27.34
N VAL D 178 -6.07 -21.36 -27.91
CA VAL D 178 -7.49 -21.59 -28.14
C VAL D 178 -7.90 -22.86 -27.41
N ALA D 179 -9.22 -23.01 -27.21
CA ALA D 179 -9.80 -24.16 -26.53
C ALA D 179 -10.76 -24.87 -27.45
N THR D 180 -10.52 -26.15 -27.70
CA THR D 180 -11.38 -26.99 -28.53
C THR D 180 -12.61 -27.43 -27.75
N PRO D 181 -13.72 -27.70 -28.43
CA PRO D 181 -14.89 -28.24 -27.74
C PRO D 181 -14.61 -29.53 -26.99
N GLU D 182 -13.60 -30.29 -27.41
CA GLU D 182 -13.27 -31.52 -26.70
C GLU D 182 -12.58 -31.25 -25.37
N GLN D 183 -11.69 -30.25 -25.34
CA GLN D 183 -11.02 -29.90 -24.09
C GLN D 183 -12.01 -29.35 -23.06
N ALA D 184 -13.05 -28.64 -23.52
CA ALA D 184 -14.06 -28.13 -22.60
C ALA D 184 -14.91 -29.26 -22.04
N GLN D 185 -15.41 -30.13 -22.91
CA GLN D 185 -16.18 -31.29 -22.47
C GLN D 185 -15.36 -32.15 -21.50
N GLU D 186 -14.04 -32.21 -21.70
CA GLU D 186 -13.20 -32.96 -20.79
C GLU D 186 -13.22 -32.36 -19.39
N VAL D 187 -13.13 -31.04 -19.28
CA VAL D 187 -13.15 -30.39 -17.98
C VAL D 187 -14.57 -30.39 -17.40
N HIS D 188 -15.57 -30.22 -18.25
CA HIS D 188 -16.96 -30.25 -17.78
C HIS D 188 -17.31 -31.60 -17.17
N LEU D 189 -17.00 -32.69 -17.90
CA LEU D 189 -17.21 -34.02 -17.35
C LEU D 189 -16.35 -34.26 -16.11
N LEU D 190 -15.12 -33.72 -16.12
CA LEU D 190 -14.24 -33.80 -14.96
C LEU D 190 -14.92 -33.21 -13.73
N LEU D 191 -15.64 -32.09 -13.91
CA LEU D 191 -16.30 -31.45 -12.78
C LEU D 191 -17.53 -32.22 -12.34
N ARG D 192 -18.30 -32.73 -13.30
CA ARG D 192 -19.52 -33.44 -12.96
C ARG D 192 -19.21 -34.74 -12.22
N LYS D 193 -18.13 -35.42 -12.60
CA LYS D 193 -17.74 -36.64 -11.90
C LYS D 193 -17.45 -36.36 -10.44
N TRP D 194 -16.63 -35.34 -10.16
CA TRP D 194 -16.30 -35.00 -8.78
C TRP D 194 -17.56 -34.67 -7.99
N VAL D 195 -18.49 -33.94 -8.60
CA VAL D 195 -19.73 -33.59 -7.92
C VAL D 195 -20.58 -34.83 -7.68
N SER D 196 -20.62 -35.74 -8.64
CA SER D 196 -21.38 -36.98 -8.47
C SER D 196 -20.81 -37.84 -7.35
N GLU D 197 -19.50 -37.84 -7.18
CA GLU D 197 -18.86 -38.66 -6.17
C GLU D 197 -18.72 -37.98 -4.82
N ASN D 198 -18.72 -36.65 -4.77
CA ASN D 198 -18.57 -35.93 -3.52
C ASN D 198 -19.85 -35.27 -3.01
N ILE D 199 -20.73 -34.81 -3.91
CA ILE D 199 -21.98 -34.16 -3.51
C ILE D 199 -23.14 -35.13 -3.59
N GLY D 200 -23.33 -35.79 -4.74
CA GLY D 200 -24.40 -36.74 -4.92
C GLY D 200 -24.66 -37.02 -6.38
N THR D 201 -25.12 -38.25 -6.69
CA THR D 201 -25.34 -38.61 -8.08
C THR D 201 -26.50 -37.83 -8.69
N ASP D 202 -27.53 -37.52 -7.91
CA ASP D 202 -28.64 -36.74 -8.44
C ASP D 202 -28.26 -35.29 -8.62
N VAL D 203 -27.49 -34.73 -7.68
CA VAL D 203 -27.06 -33.34 -7.79
C VAL D 203 -26.25 -33.13 -9.07
N ALA D 204 -25.38 -34.07 -9.40
CA ALA D 204 -24.54 -33.92 -10.58
C ALA D 204 -25.35 -34.08 -11.86
N ALA D 205 -26.33 -34.98 -11.86
CA ALA D 205 -27.13 -35.21 -13.05
C ALA D 205 -27.95 -33.98 -13.42
N LYS D 206 -28.33 -33.16 -12.44
CA LYS D 206 -29.14 -31.98 -12.68
C LYS D 206 -28.37 -30.67 -12.56
N LEU D 207 -27.10 -30.72 -12.17
CA LEU D 207 -26.29 -29.51 -12.10
C LEU D 207 -26.03 -28.96 -13.50
N ARG D 208 -26.19 -27.65 -13.65
CA ARG D 208 -25.88 -26.98 -14.91
C ARG D 208 -24.42 -26.52 -14.88
N ILE D 209 -23.65 -26.96 -15.86
CA ILE D 209 -22.25 -26.57 -16.00
C ILE D 209 -22.11 -25.84 -17.33
N LEU D 210 -21.79 -24.55 -17.27
CA LEU D 210 -21.77 -23.70 -18.45
C LEU D 210 -20.34 -23.46 -18.92
N TYR D 211 -20.16 -23.38 -20.23
CA TYR D 211 -18.87 -23.04 -20.80
C TYR D 211 -18.69 -21.53 -20.78
N GLY D 212 -17.55 -21.07 -20.23
CA GLY D 212 -17.30 -19.65 -20.11
C GLY D 212 -16.15 -19.18 -20.98
N GLY D 213 -15.96 -19.85 -22.12
CA GLY D 213 -14.91 -19.51 -23.05
C GLY D 213 -15.43 -18.71 -24.23
N SER D 214 -14.66 -18.74 -25.32
CA SER D 214 -15.05 -18.06 -26.55
C SER D 214 -16.25 -18.78 -27.16
N VAL D 215 -17.40 -18.13 -27.18
CA VAL D 215 -18.61 -18.69 -27.77
C VAL D 215 -19.20 -17.68 -28.73
N ASN D 216 -19.59 -18.15 -29.92
CA ASN D 216 -20.22 -17.33 -30.94
C ASN D 216 -21.23 -18.20 -31.69
N ALA D 217 -21.92 -17.59 -32.67
CA ALA D 217 -22.94 -18.31 -33.40
C ALA D 217 -22.37 -19.48 -34.20
N ALA D 218 -21.04 -19.54 -34.37
CA ALA D 218 -20.46 -20.57 -35.22
C ALA D 218 -20.17 -21.85 -34.44
N ASN D 219 -19.78 -21.74 -33.17
CA ASN D 219 -19.39 -22.90 -32.39
C ASN D 219 -20.39 -23.26 -31.29
N ALA D 220 -21.41 -22.43 -31.05
CA ALA D 220 -22.28 -22.65 -29.91
C ALA D 220 -23.03 -23.97 -30.00
N ALA D 221 -23.45 -24.37 -31.20
CA ALA D 221 -24.16 -25.65 -31.34
C ALA D 221 -23.22 -26.83 -31.15
N THR D 222 -22.02 -26.76 -31.71
CA THR D 222 -21.02 -27.80 -31.51
C THR D 222 -20.73 -28.00 -30.02
N LEU D 223 -20.54 -26.90 -29.30
CA LEU D 223 -20.26 -26.98 -27.87
C LEU D 223 -21.44 -27.56 -27.11
N TYR D 224 -22.67 -27.12 -27.42
CA TYR D 224 -23.82 -27.63 -26.71
C TYR D 224 -24.11 -29.09 -27.04
N ALA D 225 -23.61 -29.59 -28.16
CA ALA D 225 -23.76 -31.00 -28.48
C ALA D 225 -22.98 -31.89 -27.53
N LYS D 226 -21.97 -31.35 -26.85
CA LYS D 226 -21.20 -32.14 -25.91
C LYS D 226 -22.06 -32.52 -24.72
N PRO D 227 -21.93 -33.75 -24.20
CA PRO D 227 -22.90 -34.24 -23.21
C PRO D 227 -22.90 -33.49 -21.89
N ASP D 228 -21.81 -32.82 -21.52
CA ASP D 228 -21.72 -32.20 -20.20
C ASP D 228 -21.62 -30.68 -20.24
N ILE D 229 -21.93 -30.06 -21.38
CA ILE D 229 -22.01 -28.61 -21.50
C ILE D 229 -23.48 -28.23 -21.56
N ASN D 230 -23.94 -27.45 -20.57
CA ASN D 230 -25.36 -27.15 -20.40
C ASN D 230 -25.69 -25.68 -20.70
N GLY D 231 -24.88 -25.04 -21.53
CA GLY D 231 -25.12 -23.66 -21.88
C GLY D 231 -23.83 -22.88 -21.86
N PHE D 232 -23.93 -21.55 -21.79
CA PHE D 232 -22.75 -20.71 -21.95
C PHE D 232 -22.86 -19.47 -21.08
N LEU D 233 -21.69 -18.96 -20.68
CA LEU D 233 -21.55 -17.63 -20.11
C LEU D 233 -20.80 -16.81 -21.16
N VAL D 234 -21.55 -16.08 -21.97
CA VAL D 234 -21.02 -15.47 -23.20
C VAL D 234 -20.50 -14.07 -22.89
N GLY D 235 -19.36 -13.72 -23.48
CA GLY D 235 -18.80 -12.39 -23.28
C GLY D 235 -19.13 -11.38 -24.35
N GLY D 236 -18.26 -11.27 -25.35
CA GLY D 236 -18.41 -10.22 -26.34
C GLY D 236 -19.64 -10.40 -27.22
N ALA D 237 -19.95 -11.63 -27.58
CA ALA D 237 -21.11 -11.87 -28.45
C ALA D 237 -22.42 -11.53 -27.75
N SER D 238 -22.44 -11.57 -26.41
CA SER D 238 -23.63 -11.24 -25.65
C SER D 238 -23.96 -9.75 -25.74
N LEU D 239 -23.04 -8.92 -26.23
CA LEU D 239 -23.29 -7.52 -26.47
C LEU D 239 -23.84 -7.27 -27.88
N LYS D 240 -24.13 -8.32 -28.64
N LYS D 240 -24.10 -8.33 -28.64
CA LYS D 240 -24.54 -8.22 -30.02
CA LYS D 240 -24.53 -8.25 -30.02
C LYS D 240 -25.82 -9.00 -30.24
C LYS D 240 -25.86 -8.97 -30.20
N PRO D 241 -26.58 -8.69 -31.30
CA PRO D 241 -27.75 -9.51 -31.63
C PRO D 241 -27.41 -10.96 -31.93
N GLU D 242 -26.14 -11.27 -32.13
CA GLU D 242 -25.69 -12.66 -32.28
C GLU D 242 -26.06 -13.52 -31.06
N PHE D 243 -26.30 -12.90 -29.91
CA PHE D 243 -26.70 -13.63 -28.71
C PHE D 243 -27.98 -14.44 -28.94
N ARG D 244 -28.78 -14.10 -29.95
CA ARG D 244 -29.98 -14.87 -30.24
C ARG D 244 -29.63 -16.21 -30.87
N ASP D 245 -28.67 -16.22 -31.80
CA ASP D 245 -28.25 -17.47 -32.42
C ASP D 245 -27.61 -18.40 -31.40
N ILE D 246 -26.97 -17.85 -30.37
CA ILE D 246 -26.39 -18.67 -29.32
C ILE D 246 -27.48 -19.30 -28.46
N ILE D 247 -28.52 -18.53 -28.13
CA ILE D 247 -29.65 -19.09 -27.38
C ILE D 247 -30.35 -20.16 -28.20
N ASP D 248 -30.53 -19.93 -29.51
CA ASP D 248 -31.13 -20.92 -30.38
C ASP D 248 -30.26 -22.16 -30.51
N ALA D 249 -28.97 -22.06 -30.19
CA ALA D 249 -28.08 -23.22 -30.25
C ALA D 249 -28.24 -24.16 -29.07
N THR D 250 -28.88 -23.72 -27.98
CA THR D 250 -29.16 -24.61 -26.87
C THR D 250 -30.39 -25.47 -27.09
N ARG D 251 -30.98 -25.42 -28.28
CA ARG D 251 -32.13 -26.25 -28.61
C ARG D 251 -31.72 -27.72 -28.71
CL CL E . 40.25 14.87 -6.05
NA NA F . -28.13 -27.30 -9.40
CL CL G . -35.22 -10.91 -13.15
#